data_9B46
#
_entry.id   9B46
#
_cell.length_a   1.00
_cell.length_b   1.00
_cell.length_c   1.00
_cell.angle_alpha   90.00
_cell.angle_beta   90.00
_cell.angle_gamma   90.00
#
_symmetry.space_group_name_H-M   'P 1'
#
_entity_poly.entity_id   1
_entity_poly.type   'polypeptide(L)'
_entity_poly.pdbx_seq_one_letter_code
;MSAPTDDTPTDAIAAPRHSAPPRPRLPWFLRTFAVPIILAWVAVVAILNTVVPTLDEVGEMRAVSMAPNDAPSTLAIKRV
GQVFEEYDTSSSVMIVLEGEEPLGIEAHAFYDKMVADLRADTEHVQHVQDFWGDTLTASGAQSVDGKAAYVQVYIAGDQG
ESLANESVEAVRKIATERETPSGVKAYVTGAAATSADQRAEGDASMKLIEGVTFAVITVMLLAVYRSVITTLIVLAMVVL
GLSGARGIVAFLGFYNVFGLTTFATNMVVTLAIAAATDYAIFLIGRYQEARRAGEDRESAYYTMFHGTAHVVLASGLTIA
GATLCLHFTRLPYFQTMGVPLAIGMLIVVAAALTAGPAVISVVSRFGKTLEPKRFSRSPGWHRVGTATVRWPGAILVCAV
VAALIGLLALPGYYTTYDDRRYLPDDVPANVGYDAAFRHFSQAKMNPDLMMVETDRDLRNPADFLVIDKIAKALKNVHGI
AQVQTITRPDGDPIEHSTIPYTIGQSGTTQIMNNDYMQTNLDNLLKQADDLQTSIDSMTEMMNIQTELAAVSQSMADKMA
QTSDDTADVRDHLADFDDFFRPIRNYLYWEPHCYDIPMCWSMRSIFESIDGINTMSDDFQELVPEMRRMADLMPRMVAVM
PAQIQSMKNQKQTLLNQYQVQKAQQDQNMAMQENATAMSQAFDAAKNDDSFYLPPEAFETDDFQRGMKLFMSPDGHAVRF
TIIHQGDPLTEEGTARMDELKVAAADAIKGTPFEGARIYLGGSAATYNDMQIGADYDLIIVAASALILIFIIMMVLTRAV
VAAAVIVGTVVLSLASAFGLSVLLWQHIVGIPLHWMVLPMSVIVLLAVGADYNLLLVSRMKEEIHAGIRTGIIRAMVGTG
AVVTAAGLVFAFTMASMAVSSLITIGQVGTTIGLGLLFDTLVVRSLMTPSIATLLGRWFWWPQRVRERPVPSKWPTPIQR
TPEEALSHHHHHH
;
_entity_poly.pdbx_strand_id   A
#
# COMPACT_ATOMS: atom_id res chain seq x y z
N PRO A 22 19.41 42.75 16.68
CA PRO A 22 19.33 41.55 17.52
C PRO A 22 18.53 40.43 16.87
N ARG A 23 18.61 40.32 15.55
CA ARG A 23 17.88 39.27 14.84
C ARG A 23 18.50 37.91 15.18
N PRO A 24 17.69 36.86 15.25
CA PRO A 24 18.25 35.53 15.48
C PRO A 24 19.16 35.11 14.33
N ARG A 25 20.18 34.32 14.68
CA ARG A 25 21.24 34.01 13.71
C ARG A 25 20.71 33.20 12.54
N LEU A 26 19.84 32.22 12.80
CA LEU A 26 19.36 31.35 11.73
C LEU A 26 18.51 32.08 10.68
N PRO A 27 17.45 32.81 11.03
CA PRO A 27 16.73 33.55 9.98
C PRO A 27 17.57 34.62 9.32
N TRP A 28 18.48 35.24 10.08
CA TRP A 28 19.36 36.24 9.49
C TRP A 28 20.26 35.61 8.42
N PHE A 29 20.78 34.42 8.70
CA PHE A 29 21.61 33.72 7.72
C PHE A 29 20.77 33.29 6.52
N LEU A 30 19.54 32.81 6.77
CA LEU A 30 18.68 32.41 5.68
C LEU A 30 18.26 33.56 4.80
N ARG A 31 18.22 34.78 5.34
CA ARG A 31 17.85 35.96 4.58
C ARG A 31 19.01 36.63 3.88
N THR A 32 20.16 36.73 4.54
CA THR A 32 21.32 37.39 3.94
C THR A 32 21.88 36.58 2.78
N PHE A 33 21.98 35.27 2.94
CA PHE A 33 22.51 34.38 1.92
C PHE A 33 21.40 33.61 1.21
N ALA A 34 20.27 34.26 0.97
CA ALA A 34 19.13 33.59 0.38
C ALA A 34 19.44 33.09 -1.03
N VAL A 35 20.08 33.93 -1.85
CA VAL A 35 20.38 33.53 -3.23
C VAL A 35 21.34 32.36 -3.29
N PRO A 36 22.47 32.34 -2.56
CA PRO A 36 23.31 31.13 -2.58
C PRO A 36 22.59 29.89 -2.08
N ILE A 37 21.72 30.02 -1.09
CA ILE A 37 20.99 28.86 -0.58
C ILE A 37 20.05 28.31 -1.64
N ILE A 38 19.32 29.20 -2.32
CA ILE A 38 18.40 28.77 -3.37
C ILE A 38 19.18 28.10 -4.49
N LEU A 39 20.29 28.71 -4.90
CA LEU A 39 21.09 28.13 -5.98
C LEU A 39 21.65 26.77 -5.59
N ALA A 40 22.11 26.62 -4.35
CA ALA A 40 22.65 25.34 -3.89
C ALA A 40 21.57 24.28 -3.87
N TRP A 41 20.37 24.63 -3.38
CA TRP A 41 19.28 23.67 -3.37
C TRP A 41 18.92 23.24 -4.78
N VAL A 42 18.81 24.20 -5.70
CA VAL A 42 18.44 23.87 -7.08
C VAL A 42 19.52 22.99 -7.71
N ALA A 43 20.78 23.31 -7.49
CA ALA A 43 21.87 22.53 -8.06
C ALA A 43 21.88 21.11 -7.51
N VAL A 44 21.68 20.97 -6.20
CA VAL A 44 21.67 19.64 -5.59
C VAL A 44 20.52 18.80 -6.15
N VAL A 45 19.33 19.41 -6.23
CA VAL A 45 18.17 18.68 -6.74
C VAL A 45 18.38 18.28 -8.20
N ALA A 46 18.91 19.20 -9.00
CA ALA A 46 19.16 18.90 -10.41
C ALA A 46 20.17 17.77 -10.57
N ILE A 47 21.24 17.79 -9.75
CA ILE A 47 22.23 16.73 -9.82
C ILE A 47 21.59 15.40 -9.45
N LEU A 48 20.79 15.39 -8.38
CA LEU A 48 20.13 14.15 -7.95
C LEU A 48 19.23 13.59 -9.05
N ASN A 49 18.48 14.47 -9.71
CA ASN A 49 17.56 14.00 -10.75
C ASN A 49 18.31 13.53 -11.99
N THR A 50 19.36 14.26 -12.40
CA THR A 50 20.03 13.96 -13.66
C THR A 50 20.91 12.72 -13.54
N VAL A 51 21.66 12.61 -12.44
CA VAL A 51 22.65 11.54 -12.33
C VAL A 51 21.98 10.18 -12.32
N VAL A 52 20.88 10.03 -11.59
CA VAL A 52 20.24 8.74 -11.40
C VAL A 52 18.98 8.68 -12.26
N PRO A 53 18.55 7.50 -12.69
CA PRO A 53 17.37 7.40 -13.57
C PRO A 53 16.11 7.90 -12.88
N THR A 54 15.02 7.91 -13.65
CA THR A 54 13.73 8.37 -13.14
C THR A 54 13.23 7.44 -12.05
N LEU A 55 12.35 7.97 -11.19
CA LEU A 55 11.87 7.20 -10.05
C LEU A 55 11.08 5.97 -10.50
N ASP A 56 10.36 6.07 -11.62
CA ASP A 56 9.61 4.93 -12.11
C ASP A 56 10.54 3.78 -12.49
N GLU A 57 11.62 4.09 -13.21
CA GLU A 57 12.57 3.05 -13.61
C GLU A 57 13.25 2.43 -12.40
N VAL A 58 13.62 3.25 -11.42
CA VAL A 58 14.26 2.74 -10.21
C VAL A 58 13.30 1.83 -9.46
N GLY A 59 12.03 2.23 -9.34
CA GLY A 59 11.05 1.38 -8.70
C GLY A 59 10.84 0.07 -9.43
N GLU A 60 10.86 0.12 -10.77
CA GLU A 60 10.75 -1.11 -11.55
C GLU A 60 11.95 -2.02 -11.30
N MET A 61 13.15 -1.45 -11.24
CA MET A 61 14.34 -2.27 -11.03
C MET A 61 14.41 -2.81 -9.61
N ARG A 62 13.96 -2.04 -8.63
CA ARG A 62 14.12 -2.37 -7.22
C ARG A 62 12.83 -2.87 -6.58
N ALA A 63 11.94 -3.45 -7.38
CA ALA A 63 10.71 -4.02 -6.83
C ALA A 63 11.05 -5.20 -5.93
N VAL A 64 10.30 -5.33 -4.84
CA VAL A 64 10.55 -6.37 -3.86
C VAL A 64 9.39 -7.35 -3.85
N SER A 65 9.67 -8.56 -3.37
CA SER A 65 8.64 -9.57 -3.24
C SER A 65 7.61 -9.14 -2.19
N MET A 66 6.37 -9.51 -2.42
CA MET A 66 5.27 -9.13 -1.54
C MET A 66 5.05 -10.10 -0.39
N ALA A 67 5.82 -11.18 -0.32
CA ALA A 67 5.65 -12.18 0.71
C ALA A 67 6.90 -12.28 1.56
N PRO A 68 6.78 -12.31 2.88
CA PRO A 68 7.96 -12.43 3.74
C PRO A 68 8.69 -13.75 3.48
N ASN A 69 10.01 -13.73 3.66
CA ASN A 69 10.81 -14.92 3.40
C ASN A 69 10.43 -16.07 4.32
N ASP A 70 9.88 -15.76 5.50
CA ASP A 70 9.47 -16.79 6.45
C ASP A 70 7.99 -17.12 6.38
N ALA A 71 7.29 -16.68 5.34
CA ALA A 71 5.88 -17.01 5.20
C ALA A 71 5.71 -18.51 5.02
N PRO A 72 4.78 -19.14 5.75
CA PRO A 72 4.62 -20.61 5.62
C PRO A 72 4.31 -21.07 4.21
N SER A 73 3.52 -20.31 3.45
CA SER A 73 3.16 -20.72 2.10
C SER A 73 4.37 -20.68 1.17
N THR A 74 5.13 -19.59 1.21
CA THR A 74 6.30 -19.46 0.37
C THR A 74 7.33 -20.53 0.73
N LEU A 75 7.55 -20.75 2.03
CA LEU A 75 8.48 -21.78 2.46
C LEU A 75 8.02 -23.16 2.01
N ALA A 76 6.70 -23.42 2.08
CA ALA A 76 6.18 -24.71 1.65
C ALA A 76 6.40 -24.93 0.16
N ILE A 77 6.11 -23.92 -0.65
CA ILE A 77 6.28 -24.05 -2.10
C ILE A 77 7.76 -24.23 -2.44
N LYS A 78 8.64 -23.47 -1.79
CA LYS A 78 10.06 -23.61 -2.05
C LYS A 78 10.57 -24.99 -1.62
N ARG A 79 10.06 -25.50 -0.50
CA ARG A 79 10.45 -26.84 -0.06
C ARG A 79 10.00 -27.90 -1.05
N VAL A 80 8.78 -27.74 -1.59
CA VAL A 80 8.30 -28.68 -2.60
C VAL A 80 9.21 -28.63 -3.83
N GLY A 81 9.57 -27.42 -4.25
CA GLY A 81 10.45 -27.31 -5.41
C GLY A 81 11.81 -27.93 -5.18
N GLN A 82 12.37 -27.73 -3.98
CA GLN A 82 13.70 -28.26 -3.68
C GLN A 82 13.67 -29.78 -3.58
N VAL A 83 12.65 -30.34 -2.93
CA VAL A 83 12.59 -31.78 -2.74
C VAL A 83 12.46 -32.49 -4.08
N PHE A 84 11.59 -31.99 -4.95
CA PHE A 84 11.35 -32.62 -6.24
C PHE A 84 12.39 -32.27 -7.28
N GLU A 85 13.35 -31.39 -6.95
CA GLU A 85 14.44 -31.02 -7.84
C GLU A 85 13.91 -30.48 -9.17
N GLU A 86 12.89 -29.63 -9.07
CA GLU A 86 12.26 -29.02 -10.23
C GLU A 86 12.48 -27.52 -10.31
N TYR A 87 12.37 -26.82 -9.19
CA TYR A 87 12.52 -25.37 -9.17
C TYR A 87 12.94 -24.95 -7.76
N ASP A 88 13.39 -23.69 -7.66
CA ASP A 88 13.70 -23.09 -6.37
C ASP A 88 12.92 -21.81 -6.11
N THR A 89 11.86 -21.55 -6.88
CA THR A 89 11.10 -20.32 -6.76
C THR A 89 9.83 -20.57 -5.96
N SER A 90 8.96 -19.55 -5.92
CA SER A 90 7.66 -19.65 -5.28
C SER A 90 6.56 -18.99 -6.10
N SER A 91 6.83 -18.63 -7.35
CA SER A 91 5.88 -17.94 -8.20
C SER A 91 5.54 -18.81 -9.41
N SER A 92 4.25 -18.99 -9.65
CA SER A 92 3.77 -19.78 -10.77
C SER A 92 2.68 -19.02 -11.50
N VAL A 93 2.80 -18.94 -12.82
CA VAL A 93 1.78 -18.36 -13.67
C VAL A 93 1.15 -19.47 -14.49
N MET A 94 -0.15 -19.35 -14.73
CA MET A 94 -0.90 -20.37 -15.44
C MET A 94 -1.21 -19.87 -16.84
N ILE A 95 -0.81 -20.65 -17.84
CA ILE A 95 -1.10 -20.34 -19.23
C ILE A 95 -2.36 -21.09 -19.63
N VAL A 96 -3.36 -20.36 -20.10
CA VAL A 96 -4.66 -20.90 -20.44
C VAL A 96 -4.85 -20.78 -21.95
N LEU A 97 -5.12 -21.90 -22.59
CA LEU A 97 -5.45 -21.94 -24.01
C LEU A 97 -6.97 -21.98 -24.11
N GLU A 98 -7.55 -20.98 -24.76
CA GLU A 98 -8.98 -20.89 -24.99
C GLU A 98 -9.28 -20.96 -26.48
N GLY A 99 -10.25 -21.77 -26.85
CA GLY A 99 -10.59 -21.98 -28.25
C GLY A 99 -12.07 -21.82 -28.49
N GLU A 100 -12.41 -21.29 -29.67
CA GLU A 100 -13.80 -21.17 -30.06
C GLU A 100 -14.45 -22.54 -30.25
N GLU A 101 -13.64 -23.56 -30.52
CA GLU A 101 -14.08 -24.93 -30.70
C GLU A 101 -13.28 -25.84 -29.77
N PRO A 102 -13.80 -27.02 -29.43
CA PRO A 102 -13.07 -27.91 -28.52
C PRO A 102 -11.68 -28.24 -29.06
N LEU A 103 -10.71 -28.24 -28.16
CA LEU A 103 -9.32 -28.44 -28.54
C LEU A 103 -9.10 -29.87 -29.02
N GLY A 104 -8.19 -30.03 -29.98
CA GLY A 104 -7.93 -31.32 -30.60
C GLY A 104 -6.48 -31.50 -30.93
N ILE A 105 -6.21 -32.05 -32.13
CA ILE A 105 -4.85 -32.41 -32.50
C ILE A 105 -4.00 -31.16 -32.71
N GLU A 106 -4.54 -30.18 -33.43
CA GLU A 106 -3.78 -28.95 -33.68
C GLU A 106 -3.49 -28.22 -32.38
N ALA A 107 -4.49 -28.13 -31.50
CA ALA A 107 -4.28 -27.47 -30.22
C ALA A 107 -3.25 -28.22 -29.38
N HIS A 108 -3.29 -29.55 -29.41
CA HIS A 108 -2.30 -30.33 -28.66
C HIS A 108 -0.90 -30.12 -29.20
N ALA A 109 -0.74 -30.08 -30.52
CA ALA A 109 0.58 -29.85 -31.11
C ALA A 109 1.09 -28.46 -30.75
N PHE A 110 0.22 -27.46 -30.83
CA PHE A 110 0.60 -26.11 -30.45
C PHE A 110 1.00 -26.06 -28.98
N TYR A 111 0.24 -26.75 -28.12
CA TYR A 111 0.56 -26.78 -26.70
C TYR A 111 1.91 -27.44 -26.45
N ASP A 112 2.19 -28.53 -27.14
CA ASP A 112 3.47 -29.20 -26.98
C ASP A 112 4.63 -28.32 -27.42
N LYS A 113 4.47 -27.63 -28.55
CA LYS A 113 5.52 -26.71 -28.99
C LYS A 113 5.72 -25.58 -28.00
N MET A 114 4.62 -25.03 -27.47
CA MET A 114 4.73 -23.96 -26.49
C MET A 114 5.43 -24.44 -25.22
N VAL A 115 5.10 -25.66 -24.78
CA VAL A 115 5.74 -26.20 -23.58
C VAL A 115 7.23 -26.40 -23.81
N ALA A 116 7.59 -26.92 -24.98
CA ALA A 116 9.00 -27.10 -25.30
C ALA A 116 9.73 -25.77 -25.32
N ASP A 117 9.12 -24.74 -25.91
CA ASP A 117 9.75 -23.43 -25.95
C ASP A 117 9.89 -22.83 -24.56
N LEU A 118 8.87 -23.03 -23.70
CA LEU A 118 8.96 -22.55 -22.32
C LEU A 118 10.09 -23.23 -21.57
N ARG A 119 10.20 -24.56 -21.73
CA ARG A 119 11.27 -25.28 -21.05
C ARG A 119 12.63 -24.92 -21.62
N ALA A 120 12.69 -24.47 -22.87
CA ALA A 120 13.95 -24.03 -23.44
C ALA A 120 14.50 -22.81 -22.73
N ASP A 121 13.63 -21.86 -22.38
CA ASP A 121 14.02 -20.62 -21.71
C ASP A 121 14.18 -20.89 -20.21
N THR A 122 15.34 -21.41 -19.85
CA THR A 122 15.62 -21.71 -18.45
C THR A 122 15.92 -20.45 -17.64
N GLU A 123 16.20 -19.32 -18.29
CA GLU A 123 16.53 -18.11 -17.56
C GLU A 123 15.33 -17.62 -16.73
N HIS A 124 14.14 -17.64 -17.34
CA HIS A 124 12.92 -17.19 -16.67
C HIS A 124 12.06 -18.36 -16.21
N VAL A 125 11.76 -19.29 -17.11
CA VAL A 125 10.95 -20.45 -16.77
C VAL A 125 11.81 -21.47 -16.06
N GLN A 126 11.36 -21.94 -14.91
CA GLN A 126 12.07 -22.95 -14.14
C GLN A 126 11.41 -24.32 -14.19
N HIS A 127 10.08 -24.37 -14.31
CA HIS A 127 9.41 -25.66 -14.42
C HIS A 127 8.09 -25.47 -15.15
N VAL A 128 7.66 -26.48 -15.89
CA VAL A 128 6.37 -26.49 -16.56
C VAL A 128 5.67 -27.79 -16.18
N GLN A 129 4.60 -27.68 -15.38
CA GLN A 129 3.89 -28.86 -14.90
C GLN A 129 2.92 -29.30 -15.99
N ASP A 130 3.45 -30.06 -16.95
CA ASP A 130 2.66 -30.51 -18.09
C ASP A 130 1.68 -31.58 -17.64
N PHE A 131 0.42 -31.21 -17.47
CA PHE A 131 -0.63 -32.15 -17.12
C PHE A 131 -1.58 -32.46 -18.27
N TRP A 132 -1.82 -31.51 -19.17
CA TRP A 132 -2.69 -31.79 -20.31
C TRP A 132 -2.05 -32.75 -21.28
N GLY A 133 -0.71 -32.79 -21.33
CA GLY A 133 -0.01 -33.69 -22.23
C GLY A 133 -0.19 -35.16 -21.91
N ASP A 134 0.01 -35.52 -20.65
CA ASP A 134 -0.10 -36.91 -20.24
C ASP A 134 -1.57 -37.32 -20.20
N THR A 135 -1.88 -38.48 -20.79
CA THR A 135 -3.24 -38.97 -20.81
C THR A 135 -3.73 -39.29 -19.41
N LEU A 136 -2.80 -39.54 -18.48
CA LEU A 136 -3.19 -39.86 -17.11
C LEU A 136 -3.91 -38.69 -16.44
N THR A 137 -3.45 -37.47 -16.69
CA THR A 137 -4.05 -36.28 -16.10
C THR A 137 -4.56 -35.29 -17.15
N ALA A 138 -4.78 -35.73 -18.38
CA ALA A 138 -5.24 -34.82 -19.42
C ALA A 138 -6.62 -34.25 -19.10
N SER A 139 -7.52 -35.11 -18.61
CA SER A 139 -8.86 -34.65 -18.27
C SER A 139 -8.84 -33.63 -17.13
N GLY A 140 -7.84 -33.72 -16.25
CA GLY A 140 -7.75 -32.77 -15.16
C GLY A 140 -7.44 -31.36 -15.63
N ALA A 141 -6.62 -31.21 -16.66
CA ALA A 141 -6.21 -29.90 -17.14
C ALA A 141 -7.11 -29.34 -18.23
N GLN A 142 -8.16 -30.07 -18.62
CA GLN A 142 -9.05 -29.65 -19.70
C GLN A 142 -10.42 -29.32 -19.14
N SER A 143 -11.05 -28.29 -19.71
CA SER A 143 -12.35 -27.84 -19.23
C SER A 143 -13.43 -28.86 -19.56
N VAL A 144 -14.56 -28.76 -18.84
CA VAL A 144 -15.66 -29.70 -19.03
C VAL A 144 -16.19 -29.61 -20.45
N ASP A 145 -16.40 -28.39 -20.94
CA ASP A 145 -16.83 -28.23 -22.33
C ASP A 145 -15.74 -28.62 -23.31
N GLY A 146 -14.50 -28.74 -22.85
CA GLY A 146 -13.41 -29.16 -23.72
C GLY A 146 -12.84 -28.09 -24.62
N LYS A 147 -13.24 -26.83 -24.44
CA LYS A 147 -12.79 -25.75 -25.31
C LYS A 147 -11.60 -24.99 -24.72
N ALA A 148 -11.04 -25.45 -23.60
CA ALA A 148 -9.93 -24.74 -22.99
C ALA A 148 -9.09 -25.69 -22.17
N ALA A 149 -7.87 -25.26 -21.88
CA ALA A 149 -6.94 -26.03 -21.07
C ALA A 149 -6.01 -25.06 -20.35
N TYR A 150 -5.31 -25.56 -19.34
CA TYR A 150 -4.39 -24.72 -18.58
C TYR A 150 -3.16 -25.53 -18.20
N VAL A 151 -2.03 -24.83 -18.11
CA VAL A 151 -0.76 -25.43 -17.71
C VAL A 151 -0.07 -24.49 -16.74
N GLN A 152 0.45 -25.04 -15.64
CA GLN A 152 1.13 -24.22 -14.64
C GLN A 152 2.62 -24.13 -14.96
N VAL A 153 3.20 -22.95 -14.77
CA VAL A 153 4.60 -22.69 -15.07
C VAL A 153 5.22 -21.98 -13.88
N TYR A 154 6.15 -22.65 -13.22
CA TYR A 154 6.91 -22.06 -12.12
C TYR A 154 8.04 -21.25 -12.72
N ILE A 155 8.04 -19.94 -12.45
CA ILE A 155 8.97 -19.02 -13.09
C ILE A 155 9.97 -18.49 -12.06
N ALA A 156 11.12 -18.05 -12.56
CA ALA A 156 12.18 -17.56 -11.68
C ALA A 156 11.75 -16.28 -10.96
N GLY A 157 12.15 -16.17 -9.70
CA GLY A 157 11.86 -15.00 -8.90
C GLY A 157 10.60 -15.18 -8.07
N ASP A 158 10.61 -14.57 -6.88
CA ASP A 158 9.46 -14.59 -6.00
C ASP A 158 8.46 -13.52 -6.41
N GLN A 159 7.19 -13.78 -6.11
CA GLN A 159 6.10 -12.92 -6.57
C GLN A 159 6.29 -11.49 -6.11
N GLY A 160 6.30 -10.56 -7.05
CA GLY A 160 6.38 -9.15 -6.74
C GLY A 160 7.66 -8.48 -7.19
N GLU A 161 8.80 -9.15 -7.04
CA GLU A 161 10.08 -8.52 -7.35
C GLU A 161 10.26 -8.38 -8.85
N SER A 162 11.29 -7.62 -9.23
CA SER A 162 11.51 -7.29 -10.64
C SER A 162 11.78 -8.53 -11.47
N LEU A 163 12.50 -9.50 -10.89
CA LEU A 163 12.78 -10.73 -11.62
C LEU A 163 11.49 -11.47 -11.95
N ALA A 164 10.54 -11.50 -11.02
CA ALA A 164 9.25 -12.12 -11.29
C ALA A 164 8.51 -11.40 -12.41
N ASN A 165 8.57 -10.07 -12.42
CA ASN A 165 7.91 -9.31 -13.49
C ASN A 165 8.54 -9.63 -14.84
N GLU A 166 9.88 -9.70 -14.88
CA GLU A 166 10.55 -10.06 -16.12
C GLU A 166 10.17 -11.46 -16.57
N SER A 167 10.08 -12.40 -15.62
CA SER A 167 9.69 -13.76 -15.97
C SER A 167 8.28 -13.82 -16.50
N VAL A 168 7.36 -13.07 -15.90
CA VAL A 168 5.98 -13.02 -16.38
C VAL A 168 5.95 -12.46 -17.80
N GLU A 169 6.69 -11.38 -18.04
CA GLU A 169 6.72 -10.79 -19.37
C GLU A 169 7.30 -11.76 -20.39
N ALA A 170 8.36 -12.48 -20.02
CA ALA A 170 8.97 -13.44 -20.93
C ALA A 170 8.01 -14.58 -21.25
N VAL A 171 7.32 -15.09 -20.23
CA VAL A 171 6.36 -16.16 -20.44
C VAL A 171 5.22 -15.69 -21.35
N ARG A 172 4.73 -14.47 -21.11
CA ARG A 172 3.66 -13.93 -21.94
C ARG A 172 4.12 -13.78 -23.38
N LYS A 173 5.34 -13.29 -23.59
CA LYS A 173 5.87 -13.14 -24.93
C LYS A 173 6.01 -14.48 -25.62
N ILE A 174 6.50 -15.49 -24.90
CA ILE A 174 6.67 -16.81 -25.49
C ILE A 174 5.32 -17.41 -25.86
N ALA A 175 4.33 -17.27 -24.98
CA ALA A 175 3.03 -17.88 -25.24
C ALA A 175 2.29 -17.18 -26.38
N THR A 176 2.23 -15.85 -26.35
CA THR A 176 1.39 -15.13 -27.31
C THR A 176 2.06 -15.04 -28.68
N GLU A 177 3.36 -14.74 -28.72
CA GLU A 177 4.04 -14.46 -29.98
C GLU A 177 4.51 -15.77 -30.60
N ARG A 178 3.58 -16.46 -31.25
CA ARG A 178 3.88 -17.68 -31.99
C ARG A 178 2.69 -17.98 -32.90
N GLU A 179 2.89 -18.94 -33.80
CA GLU A 179 1.84 -19.34 -34.72
C GLU A 179 0.78 -20.15 -33.97
N THR A 180 -0.40 -19.55 -33.79
CA THR A 180 -1.43 -20.26 -33.06
C THR A 180 -2.48 -20.81 -34.02
N PRO A 181 -3.08 -21.95 -33.69
CA PRO A 181 -4.19 -22.46 -34.50
C PRO A 181 -5.35 -21.47 -34.50
N SER A 182 -6.08 -21.43 -35.61
CA SER A 182 -7.18 -20.49 -35.76
C SER A 182 -8.21 -20.67 -34.66
N GLY A 183 -8.58 -19.56 -34.03
CA GLY A 183 -9.54 -19.59 -32.95
C GLY A 183 -8.99 -19.97 -31.59
N VAL A 184 -7.67 -20.17 -31.47
CA VAL A 184 -7.04 -20.57 -30.22
C VAL A 184 -6.13 -19.44 -29.76
N LYS A 185 -6.31 -19.01 -28.51
CA LYS A 185 -5.52 -17.92 -27.94
C LYS A 185 -5.01 -18.32 -26.57
N ALA A 186 -3.79 -17.88 -26.25
CA ALA A 186 -3.16 -18.20 -24.98
C ALA A 186 -3.09 -16.95 -24.11
N TYR A 187 -3.45 -17.09 -22.84
CA TYR A 187 -3.42 -16.00 -21.87
C TYR A 187 -2.61 -16.44 -20.66
N VAL A 188 -1.72 -15.56 -20.19
CA VAL A 188 -0.89 -15.87 -19.03
C VAL A 188 -1.46 -15.18 -17.79
N THR A 189 -2.28 -15.90 -17.02
CA THR A 189 -2.83 -15.36 -15.80
C THR A 189 -2.06 -15.88 -14.59
N GLY A 190 -2.47 -15.45 -13.42
CA GLY A 190 -1.86 -15.92 -12.19
C GLY A 190 -1.59 -14.78 -11.23
N ALA A 191 -1.23 -15.15 -10.00
CA ALA A 191 -0.93 -14.15 -8.99
C ALA A 191 0.29 -13.32 -9.35
N ALA A 192 1.34 -13.98 -9.86
CA ALA A 192 2.54 -13.24 -10.25
C ALA A 192 2.26 -12.29 -11.41
N ALA A 193 1.48 -12.75 -12.39
CA ALA A 193 1.09 -11.87 -13.49
C ALA A 193 0.25 -10.71 -12.99
N THR A 194 -0.64 -10.99 -12.03
CA THR A 194 -1.45 -9.92 -11.45
C THR A 194 -0.58 -8.88 -10.77
N SER A 195 0.43 -9.32 -10.01
CA SER A 195 1.32 -8.38 -9.34
C SER A 195 2.12 -7.57 -10.34
N ALA A 196 2.63 -8.22 -11.39
CA ALA A 196 3.40 -7.51 -12.41
C ALA A 196 2.55 -6.44 -13.08
N ASP A 197 1.32 -6.80 -13.46
CA ASP A 197 0.44 -5.85 -14.11
C ASP A 197 0.03 -4.73 -13.16
N GLN A 198 -0.14 -5.05 -11.88
CA GLN A 198 -0.45 -4.03 -10.89
C GLN A 198 0.67 -3.01 -10.79
N ARG A 199 1.91 -3.49 -10.73
CA ARG A 199 3.05 -2.57 -10.68
C ARG A 199 3.11 -1.72 -11.94
N ALA A 200 2.90 -2.35 -13.10
CA ALA A 200 2.94 -1.61 -14.36
C ALA A 200 1.88 -0.52 -14.39
N GLU A 201 0.65 -0.86 -13.98
CA GLU A 201 -0.44 0.11 -14.00
C GLU A 201 -0.17 1.26 -13.03
N GLY A 202 0.34 0.95 -11.83
CA GLY A 202 0.65 2.01 -10.89
C GLY A 202 1.72 2.95 -11.40
N ASP A 203 2.79 2.39 -11.97
CA ASP A 203 3.85 3.22 -12.52
C ASP A 203 3.34 4.07 -13.69
N ALA A 204 2.48 3.50 -14.53
CA ALA A 204 1.92 4.26 -15.64
C ALA A 204 1.04 5.40 -15.14
N SER A 205 0.21 5.13 -14.12
CA SER A 205 -0.75 6.12 -13.66
C SER A 205 -0.12 7.17 -12.75
N MET A 206 1.12 6.96 -12.30
CA MET A 206 1.78 7.95 -11.46
C MET A 206 1.90 9.30 -12.15
N LYS A 207 2.20 9.30 -13.45
CA LYS A 207 2.33 10.56 -14.19
C LYS A 207 1.01 11.32 -14.23
N LEU A 208 -0.09 10.60 -14.50
CA LEU A 208 -1.40 11.24 -14.52
C LEU A 208 -1.77 11.75 -13.13
N ILE A 209 -1.42 10.98 -12.09
CA ILE A 209 -1.65 11.44 -10.72
C ILE A 209 -0.94 12.77 -10.49
N GLU A 210 0.33 12.85 -10.90
CA GLU A 210 1.09 14.07 -10.71
C GLU A 210 0.47 15.25 -11.45
N GLY A 211 0.06 15.02 -12.70
CA GLY A 211 -0.53 16.10 -13.47
C GLY A 211 -1.83 16.61 -12.87
N VAL A 212 -2.72 15.69 -12.49
CA VAL A 212 -3.99 16.09 -11.91
C VAL A 212 -3.77 16.78 -10.56
N THR A 213 -2.81 16.28 -9.77
CA THR A 213 -2.50 16.90 -8.50
C THR A 213 -2.01 18.33 -8.68
N PHE A 214 -1.14 18.55 -9.67
CA PHE A 214 -0.67 19.91 -9.90
C PHE A 214 -1.78 20.82 -10.39
N ALA A 215 -2.67 20.32 -11.24
CA ALA A 215 -3.79 21.14 -11.68
C ALA A 215 -4.69 21.53 -10.52
N VAL A 216 -5.00 20.56 -9.65
CA VAL A 216 -5.85 20.83 -8.49
C VAL A 216 -5.17 21.82 -7.56
N ILE A 217 -3.86 21.67 -7.36
CA ILE A 217 -3.13 22.58 -6.50
C ILE A 217 -3.16 24.00 -7.07
N THR A 218 -2.96 24.12 -8.38
CA THR A 218 -2.99 25.45 -8.99
C THR A 218 -4.35 26.10 -8.81
N VAL A 219 -5.42 25.34 -9.03
CA VAL A 219 -6.76 25.89 -8.85
C VAL A 219 -6.97 26.32 -7.41
N MET A 220 -6.58 25.48 -6.45
CA MET A 220 -6.78 25.79 -5.05
C MET A 220 -5.97 27.02 -4.63
N LEU A 221 -4.73 27.13 -5.11
CA LEU A 221 -3.91 28.28 -4.76
C LEU A 221 -4.44 29.56 -5.37
N LEU A 222 -4.93 29.50 -6.60
CA LEU A 222 -5.57 30.67 -7.20
C LEU A 222 -6.82 31.07 -6.42
N ALA A 223 -7.57 30.09 -5.93
CA ALA A 223 -8.74 30.41 -5.12
C ALA A 223 -8.35 31.04 -3.79
N VAL A 224 -7.27 30.53 -3.17
CA VAL A 224 -6.89 30.98 -1.84
C VAL A 224 -6.27 32.37 -1.89
N TYR A 225 -5.25 32.55 -2.73
CA TYR A 225 -4.50 33.80 -2.75
C TYR A 225 -5.07 34.83 -3.71
N ARG A 226 -5.75 34.38 -4.78
CA ARG A 226 -6.26 35.27 -5.81
C ARG A 226 -5.14 36.14 -6.39
N SER A 227 -3.97 35.54 -6.54
CA SER A 227 -2.81 36.21 -7.10
C SER A 227 -1.99 35.18 -7.87
N VAL A 228 -1.72 35.47 -9.13
CA VAL A 228 -0.98 34.53 -9.97
C VAL A 228 0.46 34.42 -9.51
N ILE A 229 1.05 35.54 -9.07
CA ILE A 229 2.45 35.53 -8.65
C ILE A 229 2.64 34.65 -7.42
N THR A 230 1.76 34.80 -6.43
CA THR A 230 1.87 33.99 -5.22
C THR A 230 1.69 32.50 -5.53
N THR A 231 0.74 32.19 -6.42
CA THR A 231 0.56 30.80 -6.84
C THR A 231 1.81 30.27 -7.51
N LEU A 232 2.44 31.08 -8.36
CA LEU A 232 3.68 30.66 -9.02
C LEU A 232 4.79 30.41 -8.00
N ILE A 233 4.88 31.26 -6.98
CA ILE A 233 5.91 31.08 -5.94
C ILE A 233 5.67 29.77 -5.20
N VAL A 234 4.42 29.52 -4.80
CA VAL A 234 4.12 28.29 -4.07
C VAL A 234 4.39 27.07 -4.95
N LEU A 235 4.04 27.17 -6.24
CA LEU A 235 4.29 26.07 -7.16
C LEU A 235 5.79 25.83 -7.33
N ALA A 236 6.58 26.89 -7.38
CA ALA A 236 8.02 26.73 -7.50
C ALA A 236 8.59 26.02 -6.27
N MET A 237 8.14 26.42 -5.09
CA MET A 237 8.61 25.76 -3.87
C MET A 237 8.17 24.29 -3.84
N VAL A 238 6.94 24.02 -4.25
CA VAL A 238 6.44 22.65 -4.28
C VAL A 238 7.24 21.82 -5.27
N VAL A 239 7.54 22.37 -6.44
CA VAL A 239 8.32 21.66 -7.43
C VAL A 239 9.72 21.37 -6.90
N LEU A 240 10.33 22.34 -6.24
CA LEU A 240 11.65 22.11 -5.65
C LEU A 240 11.61 20.98 -4.64
N GLY A 241 10.65 21.01 -3.72
CA GLY A 241 10.57 19.96 -2.71
C GLY A 241 10.29 18.59 -3.30
N LEU A 242 9.33 18.52 -4.22
CA LEU A 242 8.98 17.25 -4.85
C LEU A 242 10.15 16.69 -5.64
N SER A 243 10.84 17.55 -6.39
CA SER A 243 11.97 17.10 -7.18
C SER A 243 13.11 16.62 -6.29
N GLY A 244 13.35 17.31 -5.17
CA GLY A 244 14.37 16.84 -4.25
C GLY A 244 14.04 15.49 -3.65
N ALA A 245 12.79 15.31 -3.22
CA ALA A 245 12.38 14.04 -2.65
C ALA A 245 12.50 12.92 -3.69
N ARG A 246 12.00 13.16 -4.91
CA ARG A 246 12.12 12.18 -5.97
C ARG A 246 13.57 11.84 -6.25
N GLY A 247 14.41 12.86 -6.35
CA GLY A 247 15.81 12.63 -6.67
C GLY A 247 16.51 11.78 -5.63
N ILE A 248 16.33 12.12 -4.35
CA ILE A 248 17.03 11.36 -3.32
C ILE A 248 16.47 9.94 -3.20
N VAL A 249 15.15 9.79 -3.29
CA VAL A 249 14.57 8.45 -3.20
C VAL A 249 15.07 7.58 -4.35
N ALA A 250 15.06 8.12 -5.57
CA ALA A 250 15.53 7.36 -6.72
C ALA A 250 17.02 7.07 -6.62
N PHE A 251 17.79 8.04 -6.11
CA PHE A 251 19.23 7.86 -5.98
C PHE A 251 19.55 6.74 -5.00
N LEU A 252 18.86 6.72 -3.86
CA LEU A 252 19.11 5.68 -2.87
C LEU A 252 18.61 4.32 -3.34
N GLY A 253 17.46 4.30 -4.02
CA GLY A 253 16.95 3.05 -4.54
C GLY A 253 17.84 2.45 -5.61
N PHE A 254 18.38 3.31 -6.48
CA PHE A 254 19.22 2.82 -7.57
C PHE A 254 20.47 2.12 -7.05
N TYR A 255 21.06 2.64 -5.98
CA TYR A 255 22.23 2.04 -5.36
C TYR A 255 21.88 1.02 -4.30
N ASN A 256 20.68 0.44 -4.36
CA ASN A 256 20.26 -0.69 -3.55
C ASN A 256 20.29 -0.38 -2.05
N VAL A 257 20.08 0.87 -1.67
CA VAL A 257 19.98 1.19 -0.25
C VAL A 257 18.71 0.58 0.34
N PHE A 258 17.61 0.65 -0.40
CA PHE A 258 16.36 0.04 0.04
C PHE A 258 15.55 -0.35 -1.19
N GLY A 259 14.59 -1.26 -0.98
CA GLY A 259 13.68 -1.64 -2.03
C GLY A 259 12.57 -0.63 -2.21
N LEU A 260 11.88 -0.74 -3.35
CA LEU A 260 10.80 0.19 -3.68
C LEU A 260 9.63 -0.60 -4.24
N THR A 261 8.44 -0.02 -4.09
CA THR A 261 7.22 -0.59 -4.63
C THR A 261 6.41 0.52 -5.30
N THR A 262 5.38 0.11 -6.04
CA THR A 262 4.50 1.09 -6.67
C THR A 262 3.84 1.99 -5.63
N PHE A 263 3.32 1.39 -4.56
CA PHE A 263 2.72 2.17 -3.48
C PHE A 263 3.73 3.12 -2.88
N ALA A 264 4.96 2.65 -2.66
CA ALA A 264 5.98 3.48 -2.06
C ALA A 264 6.26 4.71 -2.91
N THR A 265 6.47 4.52 -4.21
CA THR A 265 6.79 5.64 -5.09
C THR A 265 5.61 6.61 -5.20
N ASN A 266 4.40 6.09 -5.39
CA ASN A 266 3.24 6.96 -5.54
C ASN A 266 2.99 7.77 -4.28
N MET A 267 3.08 7.12 -3.11
CA MET A 267 2.87 7.84 -1.86
C MET A 267 3.99 8.83 -1.59
N VAL A 268 5.23 8.49 -1.97
CA VAL A 268 6.32 9.43 -1.83
C VAL A 268 6.03 10.69 -2.62
N VAL A 269 5.63 10.53 -3.88
CA VAL A 269 5.37 11.69 -4.74
C VAL A 269 4.23 12.53 -4.17
N THR A 270 3.09 11.88 -3.87
CA THR A 270 1.92 12.62 -3.43
C THR A 270 2.16 13.30 -2.09
N LEU A 271 2.76 12.58 -1.13
CA LEU A 271 3.04 13.16 0.17
C LEU A 271 4.04 14.30 0.09
N ALA A 272 5.06 14.16 -0.77
CA ALA A 272 6.01 15.25 -0.95
C ALA A 272 5.32 16.50 -1.47
N ILE A 273 4.47 16.34 -2.49
CA ILE A 273 3.76 17.48 -3.04
C ILE A 273 2.89 18.13 -1.98
N ALA A 274 2.10 17.32 -1.27
CA ALA A 274 1.16 17.86 -0.29
C ALA A 274 1.89 18.54 0.86
N ALA A 275 2.96 17.92 1.36
CA ALA A 275 3.70 18.48 2.48
C ALA A 275 4.37 19.78 2.09
N ALA A 276 4.98 19.83 0.90
CA ALA A 276 5.61 21.06 0.45
C ALA A 276 4.58 22.17 0.32
N THR A 277 3.42 21.85 -0.25
CA THR A 277 2.38 22.86 -0.39
C THR A 277 1.90 23.35 0.97
N ASP A 278 1.73 22.44 1.92
CA ASP A 278 1.28 22.84 3.25
C ASP A 278 2.30 23.73 3.94
N TYR A 279 3.59 23.39 3.84
CA TYR A 279 4.62 24.20 4.48
C TYR A 279 4.66 25.59 3.85
N ALA A 280 4.59 25.65 2.52
CA ALA A 280 4.57 26.95 1.84
C ALA A 280 3.35 27.77 2.26
N ILE A 281 2.19 27.11 2.37
CA ILE A 281 0.98 27.82 2.78
C ILE A 281 1.14 28.35 4.20
N PHE A 282 1.68 27.55 5.10
CA PHE A 282 1.90 28.01 6.47
C PHE A 282 2.80 29.24 6.51
N LEU A 283 3.95 29.15 5.84
CA LEU A 283 4.91 30.25 5.88
C LEU A 283 4.32 31.52 5.26
N ILE A 284 3.69 31.39 4.09
CA ILE A 284 3.17 32.57 3.41
C ILE A 284 1.99 33.16 4.18
N GLY A 285 1.16 32.31 4.78
CA GLY A 285 0.05 32.82 5.57
C GLY A 285 0.51 33.58 6.79
N ARG A 286 1.52 33.06 7.48
CA ARG A 286 2.05 33.78 8.64
C ARG A 286 2.71 35.09 8.21
N TYR A 287 3.44 35.08 7.09
CA TYR A 287 4.05 36.30 6.59
C TYR A 287 3.00 37.34 6.23
N GLN A 288 1.91 36.92 5.59
CA GLN A 288 0.86 37.86 5.21
C GLN A 288 0.11 38.36 6.43
N GLU A 289 -0.06 37.52 7.46
CA GLU A 289 -0.65 37.98 8.70
C GLU A 289 0.22 39.05 9.35
N ALA A 290 1.53 38.83 9.35
CA ALA A 290 2.46 39.84 9.87
C ALA A 290 2.36 41.13 9.08
N ARG A 291 2.26 41.02 7.75
CA ARG A 291 2.10 42.21 6.92
C ARG A 291 0.81 42.96 7.25
N ARG A 292 -0.29 42.22 7.42
CA ARG A 292 -1.55 42.84 7.79
C ARG A 292 -1.45 43.52 9.16
N ALA A 293 -0.61 42.96 10.04
CA ALA A 293 -0.40 43.60 11.34
C ALA A 293 0.27 44.96 11.22
N GLY A 294 0.84 45.26 10.07
CA GLY A 294 1.49 46.54 9.85
C GLY A 294 3.00 46.52 9.89
N GLU A 295 3.61 45.35 10.06
CA GLU A 295 5.07 45.26 10.10
C GLU A 295 5.65 45.41 8.71
N ASP A 296 6.87 45.93 8.65
CA ASP A 296 7.57 46.03 7.37
C ASP A 296 7.99 44.63 6.91
N ARG A 297 8.45 44.57 5.66
CA ARG A 297 8.69 43.28 5.02
C ARG A 297 9.76 42.48 5.75
N GLU A 298 10.84 43.13 6.18
CA GLU A 298 11.88 42.45 6.95
C GLU A 298 11.33 41.94 8.28
N SER A 299 10.63 42.83 9.01
CA SER A 299 10.05 42.42 10.28
C SER A 299 8.97 41.37 10.07
N ALA A 300 8.21 41.47 8.99
CA ALA A 300 7.21 40.45 8.69
C ALA A 300 7.86 39.10 8.44
N TYR A 301 8.97 39.08 7.70
CA TYR A 301 9.69 37.83 7.46
C TYR A 301 10.20 37.23 8.76
N TYR A 302 10.79 38.07 9.62
CA TYR A 302 11.32 37.57 10.88
C TYR A 302 10.22 37.04 11.78
N THR A 303 9.07 37.74 11.82
CA THR A 303 7.93 37.26 12.60
C THR A 303 7.42 35.94 12.04
N MET A 304 7.34 35.83 10.72
CA MET A 304 6.90 34.58 10.10
C MET A 304 7.81 33.43 10.51
N PHE A 305 9.12 33.64 10.43
CA PHE A 305 10.04 32.58 10.82
C PHE A 305 9.88 32.23 12.28
N HIS A 306 9.92 33.24 13.16
CA HIS A 306 9.83 32.99 14.60
C HIS A 306 8.54 32.27 14.96
N GLY A 307 7.47 32.51 14.22
CA GLY A 307 6.19 31.91 14.52
C GLY A 307 5.85 30.63 13.81
N THR A 308 6.61 30.24 12.77
CA THR A 308 6.22 29.04 12.05
C THR A 308 7.36 28.05 11.79
N ALA A 309 8.61 28.44 12.04
CA ALA A 309 9.71 27.54 11.74
C ALA A 309 9.65 26.29 12.59
N HIS A 310 9.47 26.46 13.90
CA HIS A 310 9.39 25.31 14.79
C HIS A 310 8.18 24.45 14.49
N VAL A 311 7.05 25.08 14.16
CA VAL A 311 5.84 24.32 13.83
C VAL A 311 6.05 23.48 12.58
N VAL A 312 6.65 24.07 11.55
CA VAL A 312 6.91 23.32 10.32
C VAL A 312 7.87 22.19 10.58
N LEU A 313 8.94 22.45 11.35
CA LEU A 313 9.90 21.40 11.67
C LEU A 313 9.24 20.25 12.42
N ALA A 314 8.42 20.58 13.42
CA ALA A 314 7.76 19.55 14.21
C ALA A 314 6.77 18.76 13.36
N SER A 315 6.02 19.44 12.49
CA SER A 315 5.08 18.75 11.62
C SER A 315 5.81 17.79 10.68
N GLY A 316 6.93 18.24 10.12
CA GLY A 316 7.68 17.37 9.22
C GLY A 316 8.28 16.19 9.95
N LEU A 317 8.81 16.41 11.15
CA LEU A 317 9.34 15.31 11.94
C LEU A 317 8.23 14.33 12.30
N THR A 318 7.04 14.84 12.60
CA THR A 318 5.91 13.96 12.90
C THR A 318 5.56 13.08 11.70
N ILE A 319 5.46 13.69 10.52
CA ILE A 319 5.12 12.92 9.33
C ILE A 319 6.20 11.89 9.02
N ALA A 320 7.47 12.31 9.12
CA ALA A 320 8.57 11.41 8.82
C ALA A 320 8.60 10.24 9.79
N GLY A 321 8.39 10.50 11.09
CA GLY A 321 8.38 9.43 12.06
C GLY A 321 7.21 8.48 11.88
N ALA A 322 6.03 9.04 11.59
CA ALA A 322 4.86 8.19 11.36
C ALA A 322 5.09 7.29 10.17
N THR A 323 5.66 7.82 9.09
CA THR A 323 5.98 6.98 7.93
C THR A 323 7.05 5.95 8.28
N LEU A 324 8.06 6.35 9.04
CA LEU A 324 9.14 5.43 9.40
C LEU A 324 8.64 4.30 10.30
N CYS A 325 7.52 4.52 11.00
CA CYS A 325 6.95 3.46 11.82
C CYS A 325 6.58 2.24 10.98
N LEU A 326 6.39 2.41 9.67
CA LEU A 326 6.13 1.27 8.80
C LEU A 326 7.30 0.31 8.77
N HIS A 327 8.52 0.80 9.01
CA HIS A 327 9.71 -0.03 8.89
C HIS A 327 9.73 -1.18 9.89
N PHE A 328 8.91 -1.14 10.93
CA PHE A 328 8.86 -2.19 11.94
C PHE A 328 7.68 -3.12 11.75
N THR A 329 7.19 -3.26 10.52
CA THR A 329 6.11 -4.18 10.20
C THR A 329 6.68 -5.54 9.81
N ARG A 330 5.82 -6.42 9.31
CA ARG A 330 6.23 -7.75 8.84
C ARG A 330 6.06 -7.90 7.34
N LEU A 331 4.95 -7.43 6.79
CA LEU A 331 4.72 -7.56 5.36
C LEU A 331 5.75 -6.72 4.59
N PRO A 332 6.35 -7.26 3.53
CA PRO A 332 7.44 -6.54 2.86
C PRO A 332 7.02 -5.20 2.29
N TYR A 333 5.77 -5.07 1.83
CA TYR A 333 5.34 -3.83 1.20
C TYR A 333 5.40 -2.66 2.17
N PHE A 334 4.81 -2.82 3.35
CA PHE A 334 4.82 -1.74 4.34
C PHE A 334 6.24 -1.43 4.79
N GLN A 335 7.04 -2.47 5.05
CA GLN A 335 8.40 -2.26 5.53
C GLN A 335 9.24 -1.52 4.50
N THR A 336 9.12 -1.91 3.22
CA THR A 336 9.87 -1.23 2.17
C THR A 336 9.31 0.16 1.89
N MET A 337 8.05 0.42 2.21
CA MET A 337 7.50 1.76 2.09
C MET A 337 7.98 2.68 3.21
N GLY A 338 8.25 2.13 4.38
CA GLY A 338 8.62 2.94 5.54
C GLY A 338 9.74 3.94 5.37
N VAL A 339 10.96 3.46 5.16
CA VAL A 339 12.15 4.31 5.13
C VAL A 339 12.12 5.35 4.01
N PRO A 340 11.79 4.98 2.75
CA PRO A 340 11.77 6.01 1.69
C PRO A 340 10.84 7.17 1.98
N LEU A 341 9.66 6.90 2.54
CA LEU A 341 8.73 7.97 2.88
C LEU A 341 9.33 8.92 3.91
N ALA A 342 9.97 8.36 4.94
CA ALA A 342 10.58 9.19 5.98
C ALA A 342 11.69 10.04 5.39
N ILE A 343 12.53 9.45 4.54
CA ILE A 343 13.62 10.20 3.93
C ILE A 343 13.07 11.34 3.07
N GLY A 344 12.06 11.03 2.26
CA GLY A 344 11.47 12.06 1.41
C GLY A 344 10.86 13.20 2.21
N MET A 345 10.18 12.86 3.29
CA MET A 345 9.61 13.89 4.16
C MET A 345 10.70 14.75 4.77
N LEU A 346 11.81 14.13 5.19
CA LEU A 346 12.92 14.91 5.74
C LEU A 346 13.48 15.87 4.69
N ILE A 347 13.60 15.41 3.44
CA ILE A 347 14.10 16.28 2.38
C ILE A 347 13.15 17.44 2.16
N VAL A 348 11.84 17.16 2.15
CA VAL A 348 10.85 18.20 1.93
C VAL A 348 10.93 19.25 3.04
N VAL A 349 11.09 18.78 4.28
CA VAL A 349 11.19 19.71 5.40
C VAL A 349 12.46 20.55 5.30
N ALA A 350 13.58 19.92 4.95
CA ALA A 350 14.82 20.65 4.81
C ALA A 350 14.70 21.73 3.74
N ALA A 351 14.03 21.40 2.62
CA ALA A 351 13.81 22.38 1.58
C ALA A 351 12.89 23.50 2.06
N ALA A 352 11.85 23.15 2.80
CA ALA A 352 10.86 24.15 3.21
C ALA A 352 11.42 25.11 4.26
N LEU A 353 12.26 24.62 5.17
CA LEU A 353 12.80 25.45 6.23
C LEU A 353 14.01 26.27 5.80
N THR A 354 14.66 25.90 4.70
CA THR A 354 15.86 26.60 4.24
C THR A 354 15.62 27.33 2.93
N ALA A 355 15.14 26.63 1.89
CA ALA A 355 14.85 27.30 0.63
C ALA A 355 13.56 28.12 0.72
N GLY A 356 12.67 27.74 1.63
CA GLY A 356 11.40 28.42 1.79
C GLY A 356 11.54 29.88 2.17
N PRO A 357 12.10 30.14 3.37
CA PRO A 357 12.32 31.54 3.77
C PRO A 357 13.22 32.31 2.82
N ALA A 358 14.21 31.65 2.22
CA ALA A 358 15.07 32.31 1.26
C ALA A 358 14.28 32.80 0.05
N VAL A 359 13.44 31.93 -0.50
CA VAL A 359 12.59 32.31 -1.63
C VAL A 359 11.65 33.43 -1.22
N ILE A 360 11.07 33.32 -0.01
CA ILE A 360 10.14 34.33 0.46
C ILE A 360 10.80 35.69 0.54
N SER A 361 12.02 35.74 1.10
CA SER A 361 12.73 37.01 1.21
C SER A 361 13.06 37.57 -0.18
N VAL A 362 13.64 36.74 -1.05
CA VAL A 362 14.06 37.20 -2.37
C VAL A 362 12.86 37.75 -3.14
N VAL A 363 11.74 37.04 -3.08
CA VAL A 363 10.56 37.47 -3.82
C VAL A 363 9.98 38.74 -3.21
N SER A 364 9.83 38.77 -1.87
CA SER A 364 9.24 39.91 -1.21
C SER A 364 10.06 41.18 -1.36
N ARG A 365 11.34 41.07 -1.72
CA ARG A 365 12.13 42.25 -2.01
C ARG A 365 11.72 42.95 -3.31
N PHE A 366 10.86 42.33 -4.13
CA PHE A 366 10.42 42.91 -5.40
C PHE A 366 8.92 43.21 -5.33
N GLY A 367 8.56 44.47 -5.53
CA GLY A 367 7.20 44.95 -5.70
C GLY A 367 6.23 44.44 -4.67
N LYS A 368 4.96 44.38 -5.06
CA LYS A 368 3.89 43.87 -4.21
C LYS A 368 3.62 42.39 -4.51
N THR A 369 4.65 41.57 -4.33
CA THR A 369 4.55 40.16 -4.70
C THR A 369 3.76 39.36 -3.67
N LEU A 370 4.31 39.22 -2.46
CA LEU A 370 3.68 38.39 -1.44
C LEU A 370 2.79 39.18 -0.50
N GLU A 371 2.60 40.48 -0.75
CA GLU A 371 1.72 41.26 0.10
C GLU A 371 0.29 40.78 -0.05
N PRO A 372 -0.48 40.68 1.04
CA PRO A 372 -1.84 40.16 0.95
C PRO A 372 -2.73 41.08 0.13
N LYS A 373 -3.74 40.48 -0.51
CA LYS A 373 -4.69 41.26 -1.31
C LYS A 373 -5.96 41.58 -0.53
N ARG A 374 -6.37 40.68 0.37
CA ARG A 374 -7.60 40.91 1.13
C ARG A 374 -7.44 42.10 2.07
N PHE A 375 -6.37 42.10 2.88
CA PHE A 375 -6.12 43.16 3.86
C PHE A 375 -7.32 43.34 4.78
N SER A 376 -7.96 42.24 5.15
CA SER A 376 -9.13 42.29 6.01
C SER A 376 -9.25 40.98 6.76
N ARG A 377 -10.01 41.01 7.85
CA ARG A 377 -10.21 39.86 8.70
C ARG A 377 -11.46 39.09 8.28
N SER A 378 -11.54 37.83 8.71
CA SER A 378 -12.70 37.01 8.42
C SER A 378 -13.60 36.99 9.63
N PRO A 379 -14.77 37.63 9.59
CA PRO A 379 -15.68 37.58 10.73
C PRO A 379 -16.19 36.18 11.03
N GLY A 380 -16.15 35.28 10.06
CA GLY A 380 -16.61 33.92 10.29
C GLY A 380 -15.78 33.20 11.34
N TRP A 381 -14.46 33.32 11.25
CA TRP A 381 -13.60 32.64 12.21
C TRP A 381 -13.72 33.25 13.60
N HIS A 382 -13.86 34.58 13.68
CA HIS A 382 -14.07 35.19 14.98
C HIS A 382 -15.39 34.73 15.59
N ARG A 383 -16.44 34.64 14.77
CA ARG A 383 -17.73 34.16 15.26
C ARG A 383 -17.63 32.72 15.73
N VAL A 384 -16.91 31.88 14.98
CA VAL A 384 -16.74 30.49 15.37
C VAL A 384 -15.97 30.40 16.68
N GLY A 385 -14.92 31.20 16.84
CA GLY A 385 -14.17 31.19 18.08
C GLY A 385 -15.01 31.62 19.26
N THR A 386 -15.80 32.68 19.09
CA THR A 386 -16.67 33.13 20.17
C THR A 386 -17.70 32.07 20.52
N ALA A 387 -18.28 31.40 19.51
CA ALA A 387 -19.24 30.34 19.79
C ALA A 387 -18.59 29.18 20.52
N THR A 388 -17.39 28.79 20.09
CA THR A 388 -16.69 27.68 20.74
C THR A 388 -16.36 28.00 22.19
N VAL A 389 -15.91 29.23 22.44
CA VAL A 389 -15.59 29.62 23.82
C VAL A 389 -16.86 29.70 24.66
N ARG A 390 -17.96 30.20 24.08
CA ARG A 390 -19.17 30.41 24.86
C ARG A 390 -19.87 29.09 25.17
N TRP A 391 -19.93 28.19 24.20
CA TRP A 391 -20.60 26.89 24.37
C TRP A 391 -19.64 25.77 23.98
N PRO A 392 -18.65 25.48 24.83
CA PRO A 392 -17.69 24.43 24.47
C PRO A 392 -18.26 23.02 24.61
N GLY A 393 -19.08 22.77 25.63
CA GLY A 393 -19.55 21.42 25.88
C GLY A 393 -20.43 20.89 24.75
N ALA A 394 -21.39 21.69 24.32
CA ALA A 394 -22.31 21.24 23.27
C ALA A 394 -21.58 21.01 21.96
N ILE A 395 -20.68 21.93 21.60
CA ILE A 395 -19.92 21.80 20.36
C ILE A 395 -19.03 20.56 20.43
N LEU A 396 -18.39 20.33 21.58
CA LEU A 396 -17.56 19.15 21.74
C LEU A 396 -18.38 17.88 21.60
N VAL A 397 -19.56 17.84 22.21
CA VAL A 397 -20.41 16.65 22.12
C VAL A 397 -20.82 16.41 20.67
N CYS A 398 -21.21 17.47 19.96
CA CYS A 398 -21.60 17.32 18.56
C CYS A 398 -20.44 16.82 17.72
N ALA A 399 -19.24 17.37 17.94
CA ALA A 399 -18.07 16.95 17.18
C ALA A 399 -17.73 15.49 17.44
N VAL A 400 -17.82 15.07 18.71
CA VAL A 400 -17.53 13.68 19.05
C VAL A 400 -18.55 12.75 18.41
N VAL A 401 -19.82 13.14 18.43
CA VAL A 401 -20.86 12.33 17.80
C VAL A 401 -20.61 12.21 16.30
N ALA A 402 -20.25 13.33 15.67
CA ALA A 402 -19.97 13.30 14.24
C ALA A 402 -18.77 12.41 13.93
N ALA A 403 -17.74 12.46 14.77
CA ALA A 403 -16.57 11.62 14.56
C ALA A 403 -16.90 10.14 14.74
N LEU A 404 -17.73 9.81 15.72
CA LEU A 404 -18.04 8.42 16.04
C LEU A 404 -19.17 7.85 15.19
N ILE A 405 -19.86 8.68 14.40
CA ILE A 405 -20.88 8.15 13.50
C ILE A 405 -20.27 7.16 12.52
N GLY A 406 -19.03 7.41 12.09
CA GLY A 406 -18.38 6.54 11.13
C GLY A 406 -18.17 5.12 11.61
N LEU A 407 -18.30 4.89 12.92
CA LEU A 407 -18.17 3.53 13.43
C LEU A 407 -19.29 2.61 12.96
N LEU A 408 -20.37 3.18 12.40
CA LEU A 408 -21.46 2.35 11.89
C LEU A 408 -21.03 1.51 10.69
N ALA A 409 -19.88 1.83 10.08
CA ALA A 409 -19.42 1.06 8.93
C ALA A 409 -18.76 -0.25 9.35
N LEU A 410 -18.43 -0.38 10.64
CA LEU A 410 -17.75 -1.58 11.14
C LEU A 410 -18.54 -2.87 10.93
N PRO A 411 -19.84 -2.97 11.24
CA PRO A 411 -20.55 -4.24 10.99
C PRO A 411 -20.52 -4.69 9.55
N GLY A 412 -20.62 -3.77 8.60
CA GLY A 412 -20.65 -4.13 7.20
C GLY A 412 -19.29 -4.16 6.54
N TYR A 413 -18.25 -3.85 7.30
CA TYR A 413 -16.91 -3.76 6.73
C TYR A 413 -16.36 -5.15 6.43
N TYR A 414 -15.81 -5.30 5.23
CA TYR A 414 -15.13 -6.54 4.85
C TYR A 414 -14.12 -6.22 3.76
N THR A 415 -13.15 -7.11 3.58
CA THR A 415 -12.09 -6.93 2.59
C THR A 415 -11.90 -8.21 1.80
N THR A 416 -11.46 -8.04 0.56
CA THR A 416 -11.08 -9.15 -0.30
C THR A 416 -9.59 -9.05 -0.64
N TYR A 417 -9.03 -10.19 -1.04
CA TYR A 417 -7.59 -10.26 -1.26
C TYR A 417 -7.20 -10.47 -2.72
N ASP A 418 -8.14 -10.84 -3.59
CA ASP A 418 -7.84 -10.91 -5.01
C ASP A 418 -7.73 -9.50 -5.58
N ASP A 419 -6.69 -9.28 -6.39
CA ASP A 419 -6.43 -7.97 -6.97
C ASP A 419 -7.06 -7.76 -8.33
N ARG A 420 -7.83 -8.74 -8.83
CA ARG A 420 -8.47 -8.58 -10.13
C ARG A 420 -9.46 -7.43 -10.13
N ARG A 421 -10.22 -7.28 -9.04
CA ARG A 421 -11.18 -6.18 -8.95
C ARG A 421 -10.50 -4.82 -8.95
N TYR A 422 -9.25 -4.75 -8.49
CA TYR A 422 -8.57 -3.47 -8.33
C TYR A 422 -7.75 -3.08 -9.55
N LEU A 423 -7.84 -3.83 -10.65
CA LEU A 423 -7.11 -3.50 -11.87
C LEU A 423 -8.08 -3.31 -13.03
N PRO A 424 -7.69 -2.53 -14.05
CA PRO A 424 -8.57 -2.35 -15.20
C PRO A 424 -8.81 -3.65 -15.94
N ASP A 425 -9.96 -3.73 -16.61
CA ASP A 425 -10.35 -4.96 -17.29
C ASP A 425 -9.43 -5.27 -18.46
N ASP A 426 -8.92 -4.23 -19.14
CA ASP A 426 -8.08 -4.45 -20.31
C ASP A 426 -6.71 -5.00 -19.94
N VAL A 427 -6.37 -5.03 -18.66
CA VAL A 427 -5.09 -5.55 -18.18
C VAL A 427 -4.96 -7.02 -18.59
N PRO A 428 -3.80 -7.44 -19.10
CA PRO A 428 -3.66 -8.83 -19.58
C PRO A 428 -3.98 -9.88 -18.52
N ALA A 429 -3.61 -9.63 -17.27
CA ALA A 429 -3.95 -10.59 -16.20
C ALA A 429 -5.46 -10.71 -16.05
N ASN A 430 -6.16 -9.58 -16.12
CA ASN A 430 -7.62 -9.61 -16.02
C ASN A 430 -8.23 -10.35 -17.20
N VAL A 431 -7.68 -10.16 -18.40
CA VAL A 431 -8.20 -10.88 -19.57
C VAL A 431 -7.99 -12.38 -19.40
N GLY A 432 -6.81 -12.78 -18.92
CA GLY A 432 -6.56 -14.18 -18.67
C GLY A 432 -7.50 -14.76 -17.64
N TYR A 433 -7.73 -14.03 -16.55
CA TYR A 433 -8.67 -14.49 -15.53
C TYR A 433 -10.08 -14.59 -16.09
N ASP A 434 -10.48 -13.63 -16.92
CA ASP A 434 -11.81 -13.67 -17.52
C ASP A 434 -11.97 -14.91 -18.39
N ALA A 435 -10.97 -15.21 -19.22
CA ALA A 435 -11.06 -16.41 -20.05
C ALA A 435 -11.11 -17.67 -19.20
N ALA A 436 -10.25 -17.75 -18.19
CA ALA A 436 -10.22 -18.92 -17.33
C ALA A 436 -11.54 -19.14 -16.64
N PHE A 437 -12.15 -18.06 -16.14
CA PHE A 437 -13.43 -18.19 -15.45
C PHE A 437 -14.56 -18.47 -16.44
N ARG A 438 -14.42 -18.02 -17.68
CA ARG A 438 -15.37 -18.41 -18.71
C ARG A 438 -15.32 -19.90 -18.96
N HIS A 439 -14.16 -20.53 -18.79
CA HIS A 439 -14.04 -21.95 -19.06
C HIS A 439 -13.75 -22.82 -17.84
N PHE A 440 -13.13 -22.28 -16.80
CA PHE A 440 -12.84 -23.04 -15.59
C PHE A 440 -13.44 -22.35 -14.37
N SER A 441 -13.26 -22.97 -13.22
CA SER A 441 -13.64 -22.37 -11.94
C SER A 441 -12.42 -21.74 -11.28
N GLN A 442 -12.67 -20.83 -10.34
CA GLN A 442 -11.57 -20.16 -9.65
C GLN A 442 -10.80 -21.14 -8.78
N ALA A 443 -11.47 -22.16 -8.26
CA ALA A 443 -10.79 -23.14 -7.42
C ALA A 443 -9.71 -23.87 -8.18
N LYS A 444 -9.98 -24.26 -9.43
CA LYS A 444 -8.96 -24.90 -10.25
C LYS A 444 -7.83 -23.92 -10.56
N MET A 445 -8.15 -22.66 -10.82
CA MET A 445 -7.13 -21.67 -11.09
C MET A 445 -6.33 -21.29 -9.86
N ASN A 446 -6.76 -21.71 -8.67
CA ASN A 446 -6.01 -21.48 -7.43
C ASN A 446 -5.90 -22.80 -6.66
N PRO A 447 -5.14 -23.76 -7.19
CA PRO A 447 -4.96 -25.02 -6.47
C PRO A 447 -4.04 -24.85 -5.27
N ASP A 448 -4.21 -25.75 -4.30
CA ASP A 448 -3.41 -25.73 -3.09
C ASP A 448 -2.53 -26.97 -3.03
N LEU A 449 -1.23 -26.76 -2.86
CA LEU A 449 -0.27 -27.85 -2.88
C LEU A 449 0.06 -28.28 -1.45
N MET A 450 0.11 -29.59 -1.23
CA MET A 450 0.46 -30.12 0.09
C MET A 450 1.45 -31.26 -0.07
N MET A 451 2.65 -31.09 0.49
CA MET A 451 3.70 -32.09 0.39
C MET A 451 3.86 -32.78 1.74
N VAL A 452 3.87 -34.11 1.71
CA VAL A 452 4.19 -34.93 2.87
C VAL A 452 5.54 -35.57 2.60
N GLU A 453 6.53 -35.27 3.43
CA GLU A 453 7.91 -35.68 3.21
C GLU A 453 8.36 -36.61 4.33
N THR A 454 8.92 -37.75 3.95
CA THR A 454 9.54 -38.69 4.88
C THR A 454 11.04 -38.78 4.57
N ASP A 455 11.75 -39.55 5.39
CA ASP A 455 13.16 -39.79 5.20
C ASP A 455 13.44 -41.17 4.59
N ARG A 456 12.40 -41.84 4.11
CA ARG A 456 12.52 -43.16 3.50
C ARG A 456 11.84 -43.14 2.13
N ASP A 457 11.99 -44.24 1.41
CA ASP A 457 11.38 -44.37 0.09
C ASP A 457 9.95 -44.88 0.26
N LEU A 458 8.98 -44.15 -0.29
CA LEU A 458 7.58 -44.48 -0.18
C LEU A 458 7.06 -45.27 -1.38
N ARG A 459 7.94 -45.87 -2.17
CA ARG A 459 7.55 -46.57 -3.38
C ARG A 459 7.35 -48.06 -3.11
N ASN A 460 6.42 -48.35 -2.20
CA ASN A 460 5.99 -49.71 -1.88
C ASN A 460 4.47 -49.70 -1.72
N PRO A 461 3.80 -50.83 -2.02
CA PRO A 461 2.33 -50.82 -2.07
C PRO A 461 1.65 -50.39 -0.78
N ALA A 462 2.22 -50.77 0.38
CA ALA A 462 1.64 -50.35 1.65
C ALA A 462 1.70 -48.84 1.80
N ASP A 463 2.83 -48.23 1.43
CA ASP A 463 2.95 -46.78 1.49
C ASP A 463 1.97 -46.11 0.55
N PHE A 464 1.73 -46.71 -0.62
CA PHE A 464 0.72 -46.16 -1.53
C PHE A 464 -0.69 -46.27 -0.95
N LEU A 465 -0.97 -47.37 -0.24
CA LEU A 465 -2.25 -47.49 0.46
C LEU A 465 -2.40 -46.39 1.50
N VAL A 466 -1.33 -46.11 2.25
CA VAL A 466 -1.38 -45.06 3.25
C VAL A 466 -1.55 -43.69 2.59
N ILE A 467 -0.92 -43.49 1.43
CA ILE A 467 -1.07 -42.24 0.69
C ILE A 467 -2.51 -42.05 0.24
N ASP A 468 -3.12 -43.13 -0.24
CA ASP A 468 -4.52 -43.08 -0.63
C ASP A 468 -5.40 -42.78 0.57
N LYS A 469 -5.06 -43.35 1.73
CA LYS A 469 -5.78 -43.04 2.96
C LYS A 469 -5.67 -41.56 3.31
N ILE A 470 -4.48 -41.00 3.15
CA ILE A 470 -4.28 -39.57 3.42
C ILE A 470 -5.12 -38.73 2.47
N ALA A 471 -5.14 -39.13 1.18
CA ALA A 471 -5.94 -38.41 0.21
C ALA A 471 -7.42 -38.47 0.55
N LYS A 472 -7.89 -39.65 0.99
CA LYS A 472 -9.29 -39.79 1.40
C LYS A 472 -9.58 -38.90 2.61
N ALA A 473 -8.65 -38.84 3.56
CA ALA A 473 -8.83 -37.99 4.72
C ALA A 473 -8.93 -36.52 4.32
N LEU A 474 -8.08 -36.10 3.38
CA LEU A 474 -8.14 -34.73 2.89
C LEU A 474 -9.47 -34.46 2.18
N LYS A 475 -9.94 -35.43 1.40
CA LYS A 475 -11.21 -35.24 0.69
C LYS A 475 -12.39 -35.18 1.65
N ASN A 476 -12.30 -35.91 2.77
CA ASN A 476 -13.39 -35.93 3.73
C ASN A 476 -13.63 -34.55 4.33
N VAL A 477 -12.58 -33.71 4.36
CA VAL A 477 -12.74 -32.35 4.85
C VAL A 477 -13.75 -31.61 3.97
N HIS A 478 -14.59 -30.80 4.61
CA HIS A 478 -15.59 -30.04 3.87
C HIS A 478 -14.91 -29.06 2.92
N GLY A 479 -15.58 -28.81 1.80
CA GLY A 479 -15.04 -27.90 0.80
C GLY A 479 -13.77 -28.39 0.14
N ILE A 480 -13.68 -29.68 -0.14
CA ILE A 480 -12.52 -30.27 -0.80
C ILE A 480 -13.05 -30.99 -2.04
N ALA A 481 -12.97 -30.32 -3.20
CA ALA A 481 -13.54 -30.88 -4.42
C ALA A 481 -12.69 -32.02 -4.96
N GLN A 482 -11.41 -31.75 -5.24
CA GLN A 482 -10.57 -32.75 -5.89
C GLN A 482 -9.25 -32.90 -5.12
N VAL A 483 -8.76 -34.14 -5.08
CA VAL A 483 -7.46 -34.42 -4.48
C VAL A 483 -6.62 -35.22 -5.47
N GLN A 484 -5.81 -34.52 -6.26
CA GLN A 484 -4.94 -35.17 -7.22
C GLN A 484 -3.69 -35.68 -6.53
N THR A 485 -3.32 -36.92 -6.81
CA THR A 485 -2.10 -37.53 -6.29
C THR A 485 -1.80 -38.74 -7.16
N ILE A 486 -0.82 -39.53 -6.72
CA ILE A 486 -0.47 -40.74 -7.47
C ILE A 486 -1.62 -41.73 -7.45
N THR A 487 -2.27 -41.93 -6.31
CA THR A 487 -3.40 -42.85 -6.23
C THR A 487 -4.65 -42.29 -6.88
N ARG A 488 -4.76 -40.96 -6.96
CA ARG A 488 -5.91 -40.29 -7.57
C ARG A 488 -5.39 -39.27 -8.57
N PRO A 489 -4.98 -39.71 -9.76
CA PRO A 489 -4.42 -38.76 -10.74
C PRO A 489 -5.38 -37.62 -11.09
N ASP A 490 -6.68 -37.90 -11.19
CA ASP A 490 -7.68 -36.88 -11.45
C ASP A 490 -8.65 -36.71 -10.28
N GLY A 491 -8.29 -37.25 -9.11
CA GLY A 491 -9.17 -37.27 -7.97
C GLY A 491 -10.01 -38.52 -7.83
N ASP A 492 -10.15 -39.30 -8.90
CA ASP A 492 -10.86 -40.57 -8.86
C ASP A 492 -9.85 -41.68 -8.69
N PRO A 493 -9.99 -42.53 -7.67
CA PRO A 493 -8.98 -43.59 -7.45
C PRO A 493 -8.85 -44.54 -8.64
N ILE A 494 -7.64 -45.01 -8.89
CA ILE A 494 -7.37 -45.93 -9.97
C ILE A 494 -8.09 -47.26 -9.73
N LEU A 693 -4.74 -52.87 -4.85
CA LEU A 693 -3.66 -52.28 -5.63
C LEU A 693 -2.51 -53.27 -5.78
N PRO A 694 -2.62 -54.17 -6.76
CA PRO A 694 -1.59 -55.19 -6.95
C PRO A 694 -0.32 -54.58 -7.53
N PRO A 695 0.82 -55.28 -7.42
CA PRO A 695 2.05 -54.78 -8.05
C PRO A 695 1.96 -54.67 -9.55
N GLU A 696 1.00 -55.37 -10.18
CA GLU A 696 0.82 -55.23 -11.62
C GLU A 696 0.45 -53.79 -11.98
N ALA A 697 -0.23 -53.09 -11.08
CA ALA A 697 -0.47 -51.67 -11.28
C ALA A 697 0.84 -50.89 -11.32
N PHE A 698 1.76 -51.22 -10.41
CA PHE A 698 3.08 -50.59 -10.43
C PHE A 698 3.80 -50.88 -11.74
N GLU A 699 3.66 -52.11 -12.25
CA GLU A 699 4.36 -52.48 -13.47
C GLU A 699 3.92 -51.64 -14.67
N THR A 700 2.72 -51.08 -14.62
CA THR A 700 2.22 -50.27 -15.72
C THR A 700 3.03 -48.99 -15.86
N ASP A 701 3.23 -48.54 -17.10
CA ASP A 701 4.03 -47.36 -17.36
C ASP A 701 3.33 -46.09 -16.89
N ASP A 702 2.00 -46.03 -17.05
CA ASP A 702 1.27 -44.83 -16.66
C ASP A 702 1.39 -44.60 -15.15
N PHE A 703 1.41 -45.67 -14.37
CA PHE A 703 1.61 -45.52 -12.93
C PHE A 703 3.00 -44.96 -12.63
N GLN A 704 4.01 -45.39 -13.39
CA GLN A 704 5.35 -44.85 -13.21
C GLN A 704 5.40 -43.37 -13.54
N ARG A 705 4.71 -42.96 -14.61
CA ARG A 705 4.65 -41.53 -14.95
C ARG A 705 3.93 -40.74 -13.86
N GLY A 706 2.85 -41.30 -13.32
CA GLY A 706 2.17 -40.64 -12.22
C GLY A 706 3.05 -40.51 -11.00
N MET A 707 3.86 -41.54 -10.73
CA MET A 707 4.82 -41.45 -9.63
C MET A 707 5.83 -40.34 -9.88
N LYS A 708 6.33 -40.23 -11.11
CA LYS A 708 7.27 -39.16 -11.43
C LYS A 708 6.62 -37.79 -11.26
N LEU A 709 5.34 -37.67 -11.60
CA LEU A 709 4.65 -36.40 -11.50
C LEU A 709 4.32 -36.02 -10.05
N PHE A 710 3.87 -36.97 -9.23
CA PHE A 710 3.33 -36.66 -7.92
C PHE A 710 4.21 -37.13 -6.76
N MET A 711 5.36 -37.72 -7.03
CA MET A 711 6.26 -38.17 -5.98
C MET A 711 7.69 -37.73 -6.31
N SER A 712 8.49 -37.55 -5.26
CA SER A 712 9.85 -37.06 -5.43
C SER A 712 10.69 -38.09 -6.17
N PRO A 713 11.76 -37.65 -6.83
CA PRO A 713 12.61 -38.61 -7.56
C PRO A 713 13.14 -39.74 -6.71
N ASP A 714 13.48 -39.46 -5.45
CA ASP A 714 13.90 -40.52 -4.53
C ASP A 714 12.73 -41.16 -3.79
N GLY A 715 11.51 -40.67 -4.02
CA GLY A 715 10.34 -41.23 -3.38
C GLY A 715 10.12 -40.81 -1.95
N HIS A 716 10.93 -39.89 -1.42
CA HIS A 716 10.83 -39.48 -0.03
C HIS A 716 9.64 -38.59 0.26
N ALA A 717 9.00 -38.02 -0.77
CA ALA A 717 7.91 -37.09 -0.55
C ALA A 717 6.83 -37.31 -1.60
N VAL A 718 5.60 -36.98 -1.22
CA VAL A 718 4.44 -37.07 -2.10
C VAL A 718 3.67 -35.77 -2.01
N ARG A 719 3.26 -35.24 -3.17
CA ARG A 719 2.54 -33.97 -3.22
C ARG A 719 1.11 -34.21 -3.68
N PHE A 720 0.16 -33.62 -2.97
CA PHE A 720 -1.25 -33.66 -3.28
C PHE A 720 -1.69 -32.28 -3.76
N THR A 721 -2.41 -32.25 -4.88
CA THR A 721 -3.03 -31.02 -5.36
C THR A 721 -4.48 -31.00 -4.92
N ILE A 722 -4.86 -30.02 -4.12
CA ILE A 722 -6.18 -29.95 -3.50
C ILE A 722 -6.92 -28.80 -4.16
N ILE A 723 -8.08 -29.12 -4.74
CA ILE A 723 -8.98 -28.12 -5.31
C ILE A 723 -10.19 -28.05 -4.39
N HIS A 724 -10.40 -26.89 -3.79
CA HIS A 724 -11.47 -26.70 -2.82
C HIS A 724 -12.82 -26.56 -3.52
N GLN A 725 -13.88 -26.95 -2.82
CA GLN A 725 -15.23 -26.67 -3.32
C GLN A 725 -15.51 -25.17 -3.20
N GLY A 726 -16.08 -24.61 -4.26
CA GLY A 726 -16.37 -23.19 -4.29
C GLY A 726 -15.14 -22.33 -4.55
N ASP A 727 -14.72 -21.55 -3.55
CA ASP A 727 -13.58 -20.66 -3.68
C ASP A 727 -12.72 -20.78 -2.43
N PRO A 728 -11.47 -21.24 -2.55
CA PRO A 728 -10.62 -21.33 -1.34
C PRO A 728 -10.16 -19.99 -0.81
N LEU A 729 -10.29 -18.91 -1.59
CA LEU A 729 -9.83 -17.59 -1.16
C LEU A 729 -10.88 -16.91 -0.28
N THR A 730 -11.14 -17.54 0.86
CA THR A 730 -12.14 -17.03 1.79
C THR A 730 -11.78 -17.47 3.21
N GLU A 731 -12.52 -16.96 4.19
CA GLU A 731 -12.38 -17.41 5.56
C GLU A 731 -12.66 -18.91 5.67
N GLU A 732 -13.72 -19.38 5.00
CA GLU A 732 -13.99 -20.80 4.93
C GLU A 732 -12.80 -21.53 4.31
N GLY A 733 -12.11 -20.89 3.38
CA GLY A 733 -10.91 -21.48 2.81
C GLY A 733 -9.80 -21.64 3.83
N THR A 734 -9.63 -20.64 4.70
CA THR A 734 -8.63 -20.76 5.77
C THR A 734 -9.00 -21.87 6.74
N ALA A 735 -10.29 -21.98 7.06
CA ALA A 735 -10.74 -23.09 7.90
C ALA A 735 -10.47 -24.43 7.23
N ARG A 736 -10.67 -24.49 5.92
CA ARG A 736 -10.36 -25.71 5.17
C ARG A 736 -8.87 -26.02 5.21
N MET A 737 -8.03 -25.00 5.11
CA MET A 737 -6.58 -25.21 5.22
C MET A 737 -6.21 -25.81 6.57
N ASP A 738 -6.76 -25.22 7.64
CA ASP A 738 -6.48 -25.74 8.98
C ASP A 738 -6.98 -27.17 9.13
N GLU A 739 -8.19 -27.44 8.64
CA GLU A 739 -8.74 -28.79 8.74
C GLU A 739 -7.95 -29.78 7.89
N LEU A 740 -7.39 -29.33 6.76
CA LEU A 740 -6.54 -30.19 5.95
C LEU A 740 -5.26 -30.54 6.69
N LYS A 741 -4.66 -29.56 7.36
CA LYS A 741 -3.48 -29.85 8.18
C LYS A 741 -3.83 -30.86 9.28
N VAL A 742 -4.97 -30.65 9.95
CA VAL A 742 -5.38 -31.55 11.01
C VAL A 742 -5.63 -32.96 10.47
N ALA A 743 -6.28 -33.04 9.31
CA ALA A 743 -6.60 -34.34 8.71
C ALA A 743 -5.34 -35.08 8.31
N ALA A 744 -4.37 -34.37 7.74
CA ALA A 744 -3.10 -35.00 7.40
C ALA A 744 -2.39 -35.50 8.65
N ALA A 745 -2.39 -34.69 9.71
CA ALA A 745 -1.77 -35.11 10.96
C ALA A 745 -2.44 -36.36 11.52
N ASP A 746 -3.78 -36.40 11.45
CA ASP A 746 -4.50 -37.58 11.90
C ASP A 746 -4.16 -38.80 11.05
N ALA A 747 -4.08 -38.62 9.73
CA ALA A 747 -3.82 -39.73 8.83
C ALA A 747 -2.44 -40.34 9.07
N ILE A 748 -1.43 -39.48 9.27
CA ILE A 748 -0.08 -40.00 9.45
C ILE A 748 0.08 -40.71 10.79
N LYS A 749 -0.85 -40.49 11.71
CA LYS A 749 -0.81 -41.14 13.02
C LYS A 749 -0.97 -42.65 12.88
N GLY A 750 -0.14 -43.41 13.61
CA GLY A 750 -0.22 -44.86 13.62
C GLY A 750 0.39 -45.54 12.42
N THR A 751 0.99 -44.79 11.50
CA THR A 751 1.58 -45.31 10.29
C THR A 751 3.06 -44.96 10.23
N PRO A 752 3.85 -45.69 9.42
CA PRO A 752 5.25 -45.30 9.24
C PRO A 752 5.44 -43.90 8.67
N PHE A 753 4.36 -43.21 8.31
CA PHE A 753 4.38 -41.80 7.92
C PHE A 753 4.29 -40.87 9.13
N GLU A 754 4.39 -41.39 10.34
CA GLU A 754 4.16 -40.58 11.53
C GLU A 754 5.18 -39.45 11.66
N GLY A 755 6.43 -39.73 11.33
CA GLY A 755 7.48 -38.73 11.41
C GLY A 755 7.56 -37.80 10.23
N ALA A 756 6.66 -37.93 9.26
CA ALA A 756 6.70 -37.11 8.07
C ALA A 756 6.36 -35.66 8.38
N ARG A 757 7.02 -34.74 7.67
CA ARG A 757 6.73 -33.33 7.78
C ARG A 757 5.73 -32.93 6.69
N ILE A 758 4.83 -32.01 7.04
CA ILE A 758 3.74 -31.60 6.16
C ILE A 758 3.91 -30.12 5.84
N TYR A 759 3.93 -29.81 4.54
CA TYR A 759 4.00 -28.44 4.06
C TYR A 759 2.75 -28.16 3.23
N LEU A 760 2.18 -26.96 3.39
CA LEU A 760 0.95 -26.58 2.71
C LEU A 760 1.13 -25.16 2.14
N GLY A 761 1.12 -25.05 0.81
CA GLY A 761 1.26 -23.77 0.16
C GLY A 761 0.21 -23.58 -0.90
N GLY A 762 0.18 -22.38 -1.46
CA GLY A 762 -0.78 -22.06 -2.50
C GLY A 762 -1.30 -20.64 -2.31
N SER A 763 -2.27 -20.30 -3.14
CA SER A 763 -2.87 -18.97 -3.07
C SER A 763 -3.61 -18.77 -1.76
N ALA A 764 -4.35 -19.78 -1.31
CA ALA A 764 -5.11 -19.66 -0.08
C ALA A 764 -4.21 -19.45 1.12
N ALA A 765 -3.15 -20.26 1.23
CA ALA A 765 -2.21 -20.11 2.33
C ALA A 765 -1.49 -18.77 2.25
N THR A 766 -1.12 -18.34 1.04
CA THR A 766 -0.46 -17.06 0.87
C THR A 766 -1.35 -15.92 1.35
N TYR A 767 -2.64 -15.97 1.01
CA TYR A 767 -3.55 -14.92 1.42
C TYR A 767 -3.83 -14.98 2.92
N ASN A 768 -3.82 -16.17 3.50
CA ASN A 768 -3.94 -16.29 4.96
C ASN A 768 -2.74 -15.62 5.65
N ASP A 769 -1.54 -15.87 5.14
CA ASP A 769 -0.36 -15.21 5.68
C ASP A 769 -0.44 -13.70 5.50
N MET A 770 -0.93 -13.25 4.33
CA MET A 770 -1.10 -11.83 4.10
C MET A 770 -2.08 -11.22 5.09
N GLN A 771 -3.17 -11.92 5.40
CA GLN A 771 -4.15 -11.42 6.36
C GLN A 771 -3.53 -11.28 7.75
N ILE A 772 -2.81 -12.32 8.19
CA ILE A 772 -2.20 -12.27 9.51
C ILE A 772 -1.20 -11.12 9.59
N GLY A 773 -0.35 -11.00 8.56
CA GLY A 773 0.61 -9.92 8.53
C GLY A 773 -0.06 -8.56 8.51
N ALA A 774 -1.16 -8.44 7.76
CA ALA A 774 -1.85 -7.15 7.68
C ALA A 774 -2.43 -6.75 9.03
N ASP A 775 -3.04 -7.70 9.74
CA ASP A 775 -3.56 -7.39 11.07
C ASP A 775 -2.45 -6.95 12.01
N TYR A 776 -1.36 -7.73 12.06
CA TYR A 776 -0.27 -7.38 12.96
C TYR A 776 0.35 -6.03 12.60
N ASP A 777 0.53 -5.78 11.30
CA ASP A 777 1.11 -4.53 10.85
C ASP A 777 0.22 -3.35 11.19
N LEU A 778 -1.10 -3.50 11.02
CA LEU A 778 -2.01 -2.42 11.37
C LEU A 778 -1.91 -2.09 12.85
N ILE A 779 -1.92 -3.12 13.70
CA ILE A 779 -1.85 -2.86 15.15
C ILE A 779 -0.53 -2.18 15.50
N ILE A 780 0.59 -2.72 15.00
CA ILE A 780 1.90 -2.18 15.35
C ILE A 780 2.05 -0.76 14.84
N VAL A 781 1.63 -0.52 13.60
CA VAL A 781 1.75 0.81 13.01
C VAL A 781 0.93 1.82 13.78
N ALA A 782 -0.31 1.47 14.11
CA ALA A 782 -1.14 2.40 14.87
C ALA A 782 -0.51 2.73 16.21
N ALA A 783 -0.07 1.70 16.95
CA ALA A 783 0.50 1.94 18.27
C ALA A 783 1.76 2.78 18.19
N SER A 784 2.67 2.43 17.28
CA SER A 784 3.94 3.15 17.18
C SER A 784 3.72 4.58 16.74
N ALA A 785 2.85 4.80 15.77
CA ALA A 785 2.57 6.15 15.31
C ALA A 785 1.97 6.99 16.42
N LEU A 786 1.02 6.44 17.17
CA LEU A 786 0.43 7.18 18.27
C LEU A 786 1.48 7.56 19.30
N ILE A 787 2.31 6.60 19.71
CA ILE A 787 3.30 6.87 20.74
C ILE A 787 4.31 7.91 20.28
N LEU A 788 4.81 7.76 19.05
CA LEU A 788 5.83 8.68 18.55
C LEU A 788 5.26 10.09 18.37
N ILE A 789 4.05 10.20 17.83
CA ILE A 789 3.44 11.51 17.65
C ILE A 789 3.19 12.17 19.00
N PHE A 790 2.71 11.39 19.98
CA PHE A 790 2.48 11.93 21.30
C PHE A 790 3.78 12.43 21.93
N ILE A 791 4.87 11.66 21.75
CA ILE A 791 6.16 12.08 22.29
C ILE A 791 6.62 13.39 21.64
N ILE A 792 6.49 13.49 20.32
CA ILE A 792 6.93 14.69 19.61
C ILE A 792 6.11 15.89 20.06
N MET A 793 4.80 15.73 20.18
CA MET A 793 3.95 16.84 20.58
C MET A 793 4.23 17.26 22.02
N MET A 794 4.48 16.28 22.90
CA MET A 794 4.86 16.61 24.28
C MET A 794 6.17 17.37 24.31
N VAL A 795 7.15 16.96 23.50
CA VAL A 795 8.44 17.64 23.47
C VAL A 795 8.28 19.07 23.00
N LEU A 796 7.47 19.28 21.95
CA LEU A 796 7.35 20.61 21.38
C LEU A 796 6.50 21.53 22.26
N THR A 797 5.27 21.12 22.56
CA THR A 797 4.36 21.96 23.33
C THR A 797 4.76 22.07 24.79
N ARG A 798 5.61 21.16 25.27
CA ARG A 798 6.00 21.11 26.69
C ARG A 798 4.78 20.99 27.59
N ALA A 799 3.81 20.19 27.15
CA ALA A 799 2.59 19.97 27.90
C ALA A 799 2.05 18.59 27.60
N VAL A 800 1.85 17.78 28.64
CA VAL A 800 1.32 16.44 28.45
C VAL A 800 -0.13 16.50 27.99
N VAL A 801 -0.92 17.37 28.62
CA VAL A 801 -2.36 17.40 28.35
C VAL A 801 -2.63 17.86 26.92
N ALA A 802 -1.89 18.86 26.45
CA ALA A 802 -2.11 19.35 25.09
C ALA A 802 -1.80 18.27 24.06
N ALA A 803 -0.68 17.57 24.22
CA ALA A 803 -0.33 16.49 23.30
C ALA A 803 -1.36 15.38 23.36
N ALA A 804 -1.81 15.01 24.56
CA ALA A 804 -2.82 13.98 24.69
C ALA A 804 -4.11 14.38 23.98
N VAL A 805 -4.49 15.65 24.12
CA VAL A 805 -5.70 16.15 23.46
C VAL A 805 -5.56 16.06 21.96
N ILE A 806 -4.41 16.48 21.43
CA ILE A 806 -4.17 16.43 19.99
C ILE A 806 -4.31 15.00 19.49
N VAL A 807 -3.61 14.07 20.15
CA VAL A 807 -3.59 12.68 19.71
C VAL A 807 -4.99 12.08 19.79
N GLY A 808 -5.69 12.35 20.90
CA GLY A 808 -7.04 11.78 21.05
C GLY A 808 -8.01 12.32 20.02
N THR A 809 -7.93 13.62 19.73
CA THR A 809 -8.81 14.19 18.72
C THR A 809 -8.56 13.56 17.36
N VAL A 810 -7.29 13.37 17.00
CA VAL A 810 -7.01 12.75 15.70
C VAL A 810 -7.46 11.30 15.69
N VAL A 811 -7.32 10.61 16.82
CA VAL A 811 -7.78 9.22 16.92
C VAL A 811 -9.28 9.15 16.70
N LEU A 812 -10.02 10.08 17.30
CA LEU A 812 -11.47 10.13 17.08
C LEU A 812 -11.78 10.43 15.61
N SER A 813 -11.01 11.32 14.98
CA SER A 813 -11.20 11.61 13.56
C SER A 813 -10.96 10.39 12.70
N LEU A 814 -10.10 9.46 13.16
CA LEU A 814 -9.82 8.26 12.38
C LEU A 814 -11.06 7.43 12.15
N ALA A 815 -11.95 7.33 13.14
CA ALA A 815 -13.17 6.56 12.96
C ALA A 815 -14.05 7.16 11.88
N SER A 816 -14.19 8.48 11.86
CA SER A 816 -14.96 9.14 10.82
C SER A 816 -14.32 8.94 9.45
N ALA A 817 -12.99 8.99 9.40
CA ALA A 817 -12.29 8.74 8.14
C ALA A 817 -12.60 7.34 7.62
N PHE A 818 -12.51 6.34 8.49
CA PHE A 818 -12.80 4.97 8.11
C PHE A 818 -14.24 4.82 7.63
N GLY A 819 -15.18 5.43 8.36
CA GLY A 819 -16.57 5.33 7.98
C GLY A 819 -16.85 5.96 6.62
N LEU A 820 -16.30 7.14 6.39
CA LEU A 820 -16.49 7.81 5.10
C LEU A 820 -15.87 7.01 3.97
N SER A 821 -14.67 6.46 4.19
CA SER A 821 -14.03 5.67 3.15
C SER A 821 -14.84 4.43 2.82
N VAL A 822 -15.32 3.72 3.84
CA VAL A 822 -16.12 2.52 3.61
C VAL A 822 -17.42 2.86 2.89
N LEU A 823 -18.08 3.93 3.30
CA LEU A 823 -19.30 4.34 2.62
C LEU A 823 -19.05 4.67 1.17
N LEU A 824 -17.95 5.37 0.89
CA LEU A 824 -17.64 5.77 -0.48
C LEU A 824 -17.33 4.56 -1.36
N TRP A 825 -16.55 3.61 -0.86
CA TRP A 825 -16.05 2.55 -1.71
C TRP A 825 -16.94 1.31 -1.70
N GLN A 826 -17.29 0.81 -0.51
CA GLN A 826 -18.09 -0.42 -0.46
C GLN A 826 -19.51 -0.18 -0.94
N HIS A 827 -20.17 0.86 -0.43
CA HIS A 827 -21.61 1.02 -0.62
C HIS A 827 -21.96 2.01 -1.73
N ILE A 828 -20.99 2.60 -2.40
CA ILE A 828 -21.29 3.49 -3.52
C ILE A 828 -20.59 3.00 -4.77
N VAL A 829 -19.25 2.94 -4.73
CA VAL A 829 -18.51 2.43 -5.89
C VAL A 829 -18.79 0.94 -6.08
N GLY A 830 -18.84 0.19 -4.99
CA GLY A 830 -19.07 -1.23 -5.04
C GLY A 830 -17.83 -2.10 -4.94
N ILE A 831 -16.68 -1.50 -4.65
CA ILE A 831 -15.42 -2.23 -4.53
C ILE A 831 -14.98 -2.17 -3.08
N PRO A 832 -14.84 -3.30 -2.39
CA PRO A 832 -14.40 -3.26 -1.00
C PRO A 832 -12.98 -2.75 -0.88
N LEU A 833 -12.69 -2.12 0.27
CA LEU A 833 -11.36 -1.57 0.50
C LEU A 833 -10.31 -2.66 0.46
N HIS A 834 -9.18 -2.36 -0.17
CA HIS A 834 -8.09 -3.31 -0.25
C HIS A 834 -7.49 -3.55 1.13
N TRP A 835 -6.87 -4.71 1.29
CA TRP A 835 -6.31 -5.08 2.60
C TRP A 835 -5.10 -4.26 2.97
N MET A 836 -4.71 -3.25 2.18
CA MET A 836 -3.58 -2.40 2.51
C MET A 836 -3.95 -0.94 2.72
N VAL A 837 -5.20 -0.56 2.45
CA VAL A 837 -5.57 0.85 2.51
C VAL A 837 -5.45 1.40 3.92
N LEU A 838 -6.00 0.68 4.90
CA LEU A 838 -6.06 1.19 6.26
C LEU A 838 -4.69 1.39 6.89
N PRO A 839 -3.75 0.44 6.85
CA PRO A 839 -2.42 0.73 7.44
C PRO A 839 -1.70 1.89 6.80
N MET A 840 -1.83 2.05 5.48
CA MET A 840 -1.19 3.19 4.81
C MET A 840 -1.85 4.50 5.23
N SER A 841 -3.18 4.50 5.34
CA SER A 841 -3.88 5.76 5.59
C SER A 841 -3.77 6.21 7.04
N VAL A 842 -3.62 5.26 7.97
CA VAL A 842 -3.66 5.60 9.39
C VAL A 842 -2.52 6.54 9.75
N ILE A 843 -1.30 6.23 9.29
CA ILE A 843 -0.13 7.03 9.66
C ILE A 843 -0.27 8.45 9.13
N VAL A 844 -0.67 8.57 7.87
CA VAL A 844 -0.78 9.90 7.26
C VAL A 844 -1.86 10.72 7.95
N LEU A 845 -3.01 10.09 8.23
CA LEU A 845 -4.08 10.80 8.91
C LEU A 845 -3.62 11.27 10.29
N LEU A 846 -2.99 10.39 11.06
CA LEU A 846 -2.53 10.77 12.40
C LEU A 846 -1.53 11.91 12.31
N ALA A 847 -0.56 11.80 11.41
CA ALA A 847 0.48 12.82 11.30
C ALA A 847 -0.10 14.18 10.93
N VAL A 848 -0.94 14.22 9.90
CA VAL A 848 -1.43 15.51 9.42
C VAL A 848 -2.41 16.13 10.40
N GLY A 849 -3.29 15.32 10.99
CA GLY A 849 -4.19 15.85 12.01
C GLY A 849 -3.43 16.39 13.21
N ALA A 850 -2.39 15.67 13.63
CA ALA A 850 -1.56 16.16 14.73
C ALA A 850 -0.87 17.45 14.35
N ASP A 851 -0.43 17.57 13.10
CA ASP A 851 0.21 18.80 12.65
C ASP A 851 -0.74 19.99 12.71
N TYR A 852 -1.98 19.80 12.26
CA TYR A 852 -2.94 20.89 12.30
C TYR A 852 -3.29 21.29 13.74
N ASN A 853 -3.55 20.30 14.58
CA ASN A 853 -3.81 20.61 15.99
C ASN A 853 -2.59 21.24 16.63
N LEU A 854 -1.39 20.89 16.16
CA LEU A 854 -0.18 21.49 16.69
C LEU A 854 -0.08 22.96 16.30
N LEU A 855 -0.43 23.29 15.07
CA LEU A 855 -0.49 24.70 14.67
C LEU A 855 -1.44 25.47 15.59
N LEU A 856 -2.63 24.92 15.79
CA LEU A 856 -3.61 25.61 16.63
C LEU A 856 -3.09 25.77 18.05
N VAL A 857 -2.49 24.72 18.61
CA VAL A 857 -2.03 24.75 20.00
C VAL A 857 -0.85 25.70 20.15
N SER A 858 0.04 25.74 19.16
CA SER A 858 1.18 26.64 19.21
C SER A 858 0.72 28.09 19.18
N ARG A 859 -0.25 28.40 18.32
CA ARG A 859 -0.77 29.77 18.30
C ARG A 859 -1.50 30.09 19.61
N MET A 860 -2.18 29.11 20.18
CA MET A 860 -2.82 29.30 21.49
C MET A 860 -1.78 29.63 22.55
N LYS A 861 -0.66 28.91 22.55
CA LYS A 861 0.39 29.17 23.52
C LYS A 861 0.99 30.55 23.32
N GLU A 862 1.14 30.97 22.06
CA GLU A 862 1.64 32.32 21.81
C GLU A 862 0.67 33.37 22.33
N GLU A 863 -0.63 33.18 22.12
CA GLU A 863 -1.62 34.20 22.45
C GLU A 863 -2.15 34.10 23.87
N ILE A 864 -1.74 33.09 24.64
CA ILE A 864 -2.30 32.89 25.98
C ILE A 864 -1.94 34.00 26.95
N HIS A 865 -0.96 34.84 26.63
CA HIS A 865 -0.56 35.89 27.56
C HIS A 865 -1.69 36.89 27.81
N ALA A 866 -2.66 36.95 26.92
CA ALA A 866 -3.81 37.83 27.08
C ALA A 866 -5.01 37.14 27.73
N GLY A 867 -4.87 35.88 28.13
CA GLY A 867 -5.97 35.15 28.71
C GLY A 867 -6.23 33.84 28.01
N ILE A 868 -6.79 32.86 28.70
CA ILE A 868 -7.02 31.54 28.11
C ILE A 868 -8.06 31.63 27.01
N ARG A 869 -9.22 32.21 27.32
CA ARG A 869 -10.30 32.28 26.33
C ARG A 869 -9.97 33.29 25.24
N THR A 870 -9.43 34.45 25.62
CA THR A 870 -9.00 35.44 24.64
C THR A 870 -7.89 34.86 23.77
N GLY A 871 -6.97 34.11 24.38
CA GLY A 871 -5.93 33.46 23.60
C GLY A 871 -6.47 32.45 22.62
N ILE A 872 -7.47 31.67 23.04
CA ILE A 872 -8.09 30.70 22.14
C ILE A 872 -8.77 31.40 20.97
N ILE A 873 -9.48 32.49 21.25
CA ILE A 873 -10.17 33.22 20.18
C ILE A 873 -9.15 33.80 19.21
N ARG A 874 -8.08 34.39 19.74
CA ARG A 874 -7.06 34.97 18.87
C ARG A 874 -6.36 33.90 18.04
N ALA A 875 -6.14 32.72 18.62
CA ALA A 875 -5.56 31.62 17.86
C ALA A 875 -6.50 31.15 16.76
N MET A 876 -7.80 31.08 17.05
CA MET A 876 -8.78 30.71 16.03
C MET A 876 -8.79 31.71 14.89
N VAL A 877 -8.72 33.00 15.22
CA VAL A 877 -8.72 34.03 14.18
C VAL A 877 -7.44 33.95 13.36
N GLY A 878 -6.29 33.88 14.03
CA GLY A 878 -5.02 33.91 13.31
C GLY A 878 -4.78 32.70 12.45
N THR A 879 -5.04 31.51 12.97
CA THR A 879 -4.79 30.26 12.27
C THR A 879 -6.08 29.64 11.75
N GLY A 880 -7.02 30.47 11.35
CA GLY A 880 -8.26 29.97 10.80
C GLY A 880 -8.20 29.70 9.32
N ALA A 881 -7.84 30.72 8.53
CA ALA A 881 -7.83 30.57 7.09
C ALA A 881 -6.63 29.75 6.62
N VAL A 882 -5.47 29.94 7.26
CA VAL A 882 -4.24 29.31 6.78
C VAL A 882 -4.35 27.78 6.88
N VAL A 883 -4.74 27.28 8.05
CA VAL A 883 -4.79 25.84 8.24
C VAL A 883 -5.96 25.25 7.47
N THR A 884 -7.04 26.00 7.30
CA THR A 884 -8.15 25.53 6.47
C THR A 884 -7.70 25.34 5.02
N ALA A 885 -7.00 26.32 4.46
CA ALA A 885 -6.50 26.19 3.10
C ALA A 885 -5.51 25.04 2.99
N ALA A 886 -4.62 24.90 3.97
CA ALA A 886 -3.64 23.82 3.94
C ALA A 886 -4.33 22.46 4.00
N GLY A 887 -5.34 22.32 4.87
CA GLY A 887 -6.05 21.06 4.96
C GLY A 887 -6.81 20.72 3.70
N LEU A 888 -7.48 21.72 3.10
CA LEU A 888 -8.17 21.48 1.85
C LEU A 888 -7.19 21.07 0.75
N VAL A 889 -6.04 21.74 0.68
CA VAL A 889 -5.05 21.41 -0.34
C VAL A 889 -4.53 19.99 -0.14
N PHE A 890 -4.21 19.63 1.10
CA PHE A 890 -3.70 18.29 1.37
C PHE A 890 -4.74 17.23 1.04
N ALA A 891 -5.99 17.46 1.46
CA ALA A 891 -7.05 16.49 1.20
C ALA A 891 -7.28 16.31 -0.30
N PHE A 892 -7.26 17.42 -1.05
CA PHE A 892 -7.49 17.31 -2.49
C PHE A 892 -6.31 16.65 -3.19
N THR A 893 -5.09 16.93 -2.75
CA THR A 893 -3.93 16.25 -3.33
C THR A 893 -4.00 14.75 -3.09
N MET A 894 -4.38 14.34 -1.87
CA MET A 894 -4.52 12.92 -1.60
C MET A 894 -5.64 12.31 -2.43
N ALA A 895 -6.77 13.01 -2.55
CA ALA A 895 -7.90 12.49 -3.32
C ALA A 895 -7.59 12.41 -4.81
N SER A 896 -6.64 13.23 -5.28
CA SER A 896 -6.27 13.19 -6.69
C SER A 896 -5.61 11.88 -7.08
N MET A 897 -5.21 11.05 -6.10
CA MET A 897 -4.66 9.74 -6.42
C MET A 897 -5.73 8.80 -6.95
N ALA A 898 -7.01 9.17 -6.84
CA ALA A 898 -8.07 8.31 -7.33
C ALA A 898 -8.05 8.16 -8.84
N VAL A 899 -7.36 9.07 -9.54
CA VAL A 899 -7.28 9.00 -10.99
C VAL A 899 -6.44 7.81 -11.45
N SER A 900 -5.69 7.20 -10.53
CA SER A 900 -4.84 6.08 -10.90
C SER A 900 -5.67 4.90 -11.38
N SER A 901 -5.12 4.17 -12.35
CA SER A 901 -5.77 2.95 -12.82
C SER A 901 -5.81 1.90 -11.72
N LEU A 902 -4.76 1.85 -10.89
CA LEU A 902 -4.73 0.94 -9.75
C LEU A 902 -5.69 1.47 -8.69
N ILE A 903 -6.68 0.66 -8.33
CA ILE A 903 -7.76 1.15 -7.49
C ILE A 903 -7.33 1.18 -6.02
N THR A 904 -6.33 0.39 -5.65
CA THR A 904 -5.85 0.41 -4.27
C THR A 904 -5.27 1.77 -3.90
N ILE A 905 -4.46 2.34 -4.80
CA ILE A 905 -3.87 3.65 -4.57
C ILE A 905 -4.97 4.71 -4.47
N GLY A 906 -5.98 4.59 -5.34
CA GLY A 906 -7.10 5.51 -5.26
C GLY A 906 -7.85 5.41 -3.95
N GLN A 907 -8.04 4.19 -3.45
CA GLN A 907 -8.70 4.02 -2.16
C GLN A 907 -7.90 4.64 -1.04
N VAL A 908 -6.58 4.44 -1.05
CA VAL A 908 -5.73 5.03 -0.03
C VAL A 908 -5.83 6.55 -0.08
N GLY A 909 -5.73 7.11 -1.28
CA GLY A 909 -5.77 8.56 -1.41
C GLY A 909 -7.11 9.15 -0.98
N THR A 910 -8.21 8.51 -1.40
CA THR A 910 -9.52 9.01 -1.02
C THR A 910 -9.75 8.88 0.48
N THR A 911 -9.28 7.79 1.08
CA THR A 911 -9.41 7.64 2.53
C THR A 911 -8.68 8.75 3.26
N ILE A 912 -7.43 9.02 2.85
CA ILE A 912 -6.67 10.08 3.51
C ILE A 912 -7.32 11.43 3.27
N GLY A 913 -7.83 11.67 2.06
CA GLY A 913 -8.46 12.94 1.78
C GLY A 913 -9.71 13.17 2.59
N LEU A 914 -10.57 12.15 2.70
CA LEU A 914 -11.77 12.27 3.51
C LEU A 914 -11.42 12.49 4.98
N GLY A 915 -10.43 11.74 5.47
CA GLY A 915 -10.02 11.92 6.86
C GLY A 915 -9.50 13.31 7.14
N LEU A 916 -8.69 13.84 6.24
CA LEU A 916 -8.14 15.19 6.45
C LEU A 916 -9.20 16.26 6.28
N LEU A 917 -10.18 16.04 5.39
CA LEU A 917 -11.30 16.97 5.31
C LEU A 917 -12.06 17.01 6.61
N PHE A 918 -12.36 15.84 7.18
CA PHE A 918 -13.08 15.81 8.45
C PHE A 918 -12.26 16.44 9.56
N ASP A 919 -10.95 16.18 9.58
CA ASP A 919 -10.09 16.76 10.60
C ASP A 919 -10.03 18.28 10.49
N THR A 920 -9.96 18.80 9.26
CA THR A 920 -9.91 20.24 9.07
C THR A 920 -11.22 20.91 9.45
N LEU A 921 -12.34 20.33 9.02
CA LEU A 921 -13.64 20.97 9.24
C LEU A 921 -14.13 20.82 10.67
N VAL A 922 -13.90 19.67 11.29
CA VAL A 922 -14.48 19.37 12.59
C VAL A 922 -13.44 19.44 13.71
N VAL A 923 -12.41 18.61 13.61
CA VAL A 923 -11.46 18.42 14.71
C VAL A 923 -10.71 19.71 15.03
N ARG A 924 -10.05 20.28 14.02
CA ARG A 924 -9.28 21.50 14.25
C ARG A 924 -10.18 22.67 14.62
N SER A 925 -11.31 22.82 13.93
CA SER A 925 -12.15 24.00 14.12
C SER A 925 -12.93 23.94 15.42
N LEU A 926 -13.46 22.77 15.77
CA LEU A 926 -14.42 22.67 16.87
C LEU A 926 -13.91 21.84 18.03
N MET A 927 -13.45 20.62 17.78
CA MET A 927 -13.13 19.69 18.86
C MET A 927 -11.99 20.21 19.72
N THR A 928 -10.87 20.55 19.10
CA THR A 928 -9.70 21.00 19.86
C THR A 928 -9.95 22.29 20.63
N PRO A 929 -10.50 23.36 20.04
CA PRO A 929 -10.77 24.56 20.85
C PRO A 929 -11.78 24.31 21.97
N SER A 930 -12.78 23.47 21.73
CA SER A 930 -13.75 23.16 22.79
C SER A 930 -13.08 22.45 23.95
N ILE A 931 -12.23 21.45 23.64
CA ILE A 931 -11.51 20.75 24.69
C ILE A 931 -10.59 21.71 25.44
N ALA A 932 -9.92 22.59 24.71
CA ALA A 932 -9.02 23.55 25.34
C ALA A 932 -9.78 24.47 26.28
N THR A 933 -10.93 24.98 25.83
CA THR A 933 -11.73 25.86 26.67
C THR A 933 -12.24 25.15 27.91
N LEU A 934 -12.71 23.91 27.75
CA LEU A 934 -13.20 23.15 28.90
C LEU A 934 -12.08 22.88 29.90
N LEU A 935 -10.91 22.49 29.42
CA LEU A 935 -9.80 22.21 30.32
C LEU A 935 -9.31 23.47 31.02
N GLY A 936 -9.23 24.58 30.29
CA GLY A 936 -8.77 25.81 30.91
C GLY A 936 -7.29 25.76 31.19
N ARG A 937 -6.91 26.04 32.44
CA ARG A 937 -5.50 26.04 32.82
C ARG A 937 -4.91 24.64 32.70
N TRP A 938 -5.71 23.61 32.94
CA TRP A 938 -5.20 22.24 32.91
C TRP A 938 -4.78 21.80 31.52
N PHE A 939 -5.13 22.56 30.49
CA PHE A 939 -4.73 22.19 29.13
C PHE A 939 -3.22 22.22 28.96
N TRP A 940 -2.52 23.00 29.78
CA TRP A 940 -1.08 23.14 29.68
C TRP A 940 -0.32 22.44 30.80
N TRP A 941 -0.96 21.52 31.52
CA TRP A 941 -0.26 20.74 32.52
C TRP A 941 0.85 19.93 31.85
N PRO A 942 2.00 19.75 32.51
CA PRO A 942 2.35 20.13 33.89
C PRO A 942 2.86 21.56 34.07
N GLN A 943 3.25 22.26 33.02
CA GLN A 943 3.79 23.60 33.21
C GLN A 943 2.70 24.55 33.69
N ARG A 944 3.06 25.41 34.64
CA ARG A 944 2.11 26.30 35.26
C ARG A 944 1.83 27.51 34.37
N VAL A 945 0.58 27.94 34.33
CA VAL A 945 0.20 29.12 33.57
C VAL A 945 -0.50 30.13 34.48
#